data_8HTI
#
_entry.id   8HTI
#
_cell.length_a   1.00
_cell.length_b   1.00
_cell.length_c   1.00
_cell.angle_alpha   90.00
_cell.angle_beta   90.00
_cell.angle_gamma   90.00
#
_symmetry.space_group_name_H-M   'P 1'
#
loop_
_entity.id
_entity.type
_entity.pdbx_description
1 polymer 'Guanine nucleotide-binding protein G(s) subunit alpha isoforms short'
2 polymer 'Guanine nucleotide-binding protein G(I)/G(S)/G(T) subunit beta-1'
3 polymer 'Guanine nucleotide-binding protein G(I)/G(S)/G(O) subunit gamma-2'
4 polymer 'Nanobody 35'
5 polymer 'Consensus Olfactory Receptor OR52c'
6 non-polymer 'OCTANOIC ACID (CAPRYLIC ACID)'
#
loop_
_entity_poly.entity_id
_entity_poly.type
_entity_poly.pdbx_seq_one_letter_code
_entity_poly.pdbx_strand_id
1 'polypeptide(L)'
;HHHHHHLEVLFQGPGSLGNSKTEDQRNEEKAQREANKKIEKQLQKDKQVYRATHRLLLLGAGESGKSTIVKQMRILHVNG
FNGDSEKATKVQDIKNNLKEAIETIVAAMSNLVPPVELANPENQFRVDYILSVMNVPDFDFPPEFYEHAKALWEDEGVRA
CYERSNEYQLIDCAQYFLDKIDVIKQADYVPSDQDLLRCRVLTSGIFETKFQVDKVNFHMFDVGGQRDERRKWIQCFNDV
TAIIFVVASSSYNMVIREDNQTNRLQEALNLFKSIWNNRWLRTISVILFLNKQDLLAEKVLAGKSKIEDYFPEFARYTTP
EDATPEPGEDPRVTRAKYFIRDEFLRISTASGDGRHYCYPHFTCAVDTENIRRVFNDCRDIIQRMHLRQYELL
;
A
2 'polypeptide(L)'
;HHHHHHLEVLFQGPGSSGSELDQLRQEAEQLKNQIRDARKACADATLSQITNNIDPVGRIQMRTRRTLRGHLAKIYAMHW
GTDSRLLVSASQDGKLIIWDSYTTNKVHAIPLRSSWVMTCAYAPSGNYVACGGLDNICSIYNLKTREGNVRVSRELAGHT
GYLSCCRFLDDNQIVTSSGDTTCALWDIETGQQTTTFTGHTGDVMSLSLAPDTRLFVSGACDASAKLWDVREGMCRQTFT
GHESDINAICFFPNGNAFATGSDDATCRLFDLRADQELMTYSHDNIICGITSVSFSKSGRLLLAGYDDFNCNVWDALKAD
RAGVLAGHDNRVSCLGVTDDGMAVATGSWDSFLKIWN
;
B
3 'polypeptide(L)' MASNNTASIAQARKLVEQLKMEANIDRIKVSKAAADLMAYCEAHAKEDPLLTPVPASENPFREKKFFCAIL G
4 'polypeptide(L)'
;QVQLQESGGGLVQPGGSLRLSCAASGFTFSNYKMNWVRQAPGKGLEWVSDISQSGASISYTGSVKGRFTISRDNAKNTLY
LQMNSLKPEDTAVYYCARCPAPFTRDCFDVTSTTYAYRGQGTQVTVSSHHHHHHEPEA
;
N
5 'polypeptide(L)'
;DYKDDDDAIDMPTSNHTSFHPSSFLLVGIPGLESVHIWISIPFCAMYLIALLGNSTLLFVIKTERSLHEPMYYFLAMLAA
TDLVLSTSTIPKMLAIFWFNLKEISFDACLTQMFFIHSFTGMESGVLLAMAFDRYVAICYPLRYTTILTNKVIGKIGMAV
VLRAVLLVIPFPFLLKRLPFCGTNIIPHTYCEHMGVAKLACADIKVNIIYGLFVALLIVGLDVILIALSYVLILRAVFRL
PSQDARLKALSTCGSHICVILAFYTPAFFSFLTHRFGHHIPPYIHILLANLYLLVPPMLNPIIYGVKTKQIRERVLKIFF
KKK
;
R
#
# COMPACT_ATOMS: atom_id res chain seq x y z
N ARG A 26 -20.28 -34.24 -1.12
CA ARG A 26 -21.21 -33.61 -0.19
C ARG A 26 -20.59 -33.52 1.21
N ASN A 27 -20.15 -34.65 1.75
CA ASN A 27 -19.51 -34.64 3.06
C ASN A 27 -18.15 -33.96 2.99
N GLU A 28 -17.43 -34.15 1.89
CA GLU A 28 -16.12 -33.51 1.74
C GLU A 28 -16.24 -31.99 1.76
N GLU A 29 -17.25 -31.44 1.08
CA GLU A 29 -17.44 -30.00 1.07
C GLU A 29 -17.83 -29.48 2.45
N LYS A 30 -18.65 -30.25 3.18
CA LYS A 30 -18.99 -29.85 4.55
C LYS A 30 -17.75 -29.82 5.44
N ALA A 31 -16.89 -30.83 5.31
CA ALA A 31 -15.65 -30.84 6.08
C ALA A 31 -14.76 -29.66 5.69
N GLN A 32 -14.68 -29.35 4.40
CA GLN A 32 -13.84 -28.25 3.94
C GLN A 32 -14.34 -26.90 4.47
N ARG A 33 -15.66 -26.68 4.42
CA ARG A 33 -16.20 -25.44 4.96
C ARG A 33 -16.00 -25.34 6.46
N GLU A 34 -16.18 -26.45 7.18
CA GLU A 34 -15.95 -26.42 8.61
C GLU A 34 -14.49 -26.14 8.93
N ALA A 35 -13.57 -26.65 8.10
CA ALA A 35 -12.15 -26.37 8.30
C ALA A 35 -11.84 -24.91 8.04
N ASN A 36 -12.45 -24.31 7.01
CA ASN A 36 -12.18 -22.90 6.72
C ASN A 36 -12.76 -21.97 7.77
N LYS A 37 -13.90 -22.34 8.37
CA LYS A 37 -14.52 -21.48 9.37
C LYS A 37 -13.62 -21.27 10.58
N LYS A 38 -12.98 -22.34 11.06
CA LYS A 38 -12.07 -22.22 12.19
C LYS A 38 -10.87 -21.35 11.85
N ILE A 39 -10.36 -21.48 10.62
CA ILE A 39 -9.24 -20.64 10.19
C ILE A 39 -9.65 -19.17 10.21
N GLU A 40 -10.85 -18.87 9.70
CA GLU A 40 -11.31 -17.47 9.69
C GLU A 40 -11.48 -16.95 11.11
N LYS A 41 -12.06 -17.76 12.00
CA LYS A 41 -12.26 -17.32 13.38
C LYS A 41 -10.93 -17.06 14.07
N GLN A 42 -9.92 -17.91 13.87
CA GLN A 42 -8.59 -17.66 14.41
C GLN A 42 -7.95 -16.42 13.80
N LEU A 43 -8.08 -16.22 12.50
CA LEU A 43 -7.47 -15.06 11.84
C LEU A 43 -8.07 -13.75 12.32
N GLN A 44 -9.37 -13.71 12.59
CA GLN A 44 -9.98 -12.48 13.10
C GLN A 44 -9.48 -12.09 14.48
N LYS A 45 -8.90 -13.03 15.24
CA LYS A 45 -8.36 -12.73 16.55
C LYS A 45 -7.02 -12.02 16.48
N ASP A 46 -6.18 -12.37 15.51
CA ASP A 46 -4.84 -11.79 15.37
C ASP A 46 -4.86 -10.36 14.83
N LYS A 47 -5.94 -9.95 14.16
CA LYS A 47 -5.99 -8.60 13.61
C LYS A 47 -6.03 -7.54 14.71
N GLN A 48 -6.81 -7.78 15.77
CA GLN A 48 -6.85 -6.86 16.89
C GLN A 48 -5.51 -6.76 17.60
N VAL A 49 -4.80 -7.87 17.75
CA VAL A 49 -3.44 -7.84 18.28
C VAL A 49 -2.48 -7.10 17.35
N TYR A 50 -2.65 -7.23 16.05
CA TYR A 50 -1.74 -6.59 15.10
C TYR A 50 -1.94 -5.08 15.06
N ARG A 51 -3.18 -4.61 15.17
CA ARG A 51 -3.43 -3.17 15.10
C ARG A 51 -3.24 -2.45 16.42
N ALA A 52 -3.04 -3.17 17.52
CA ALA A 52 -2.88 -2.53 18.82
C ALA A 52 -1.43 -2.35 19.24
N THR A 53 -0.48 -2.85 18.45
CA THR A 53 0.93 -2.75 18.78
C THR A 53 1.62 -1.81 17.80
N HIS A 54 2.64 -1.12 18.28
CA HIS A 54 3.40 -0.15 17.48
C HIS A 54 4.82 -0.68 17.30
N ARG A 55 5.33 -0.59 16.08
CA ARG A 55 6.65 -1.11 15.74
C ARG A 55 7.68 0.01 15.65
N LEU A 56 8.93 -0.32 15.96
CA LEU A 56 10.05 0.62 15.95
C LEU A 56 11.23 -0.02 15.23
N LEU A 57 12.28 0.76 15.01
CA LEU A 57 13.47 0.24 14.32
C LEU A 57 14.69 0.98 14.84
N LEU A 58 15.61 0.24 15.47
CA LEU A 58 16.84 0.82 15.99
C LEU A 58 17.93 0.69 14.94
N LEU A 59 18.39 1.84 14.44
CA LEU A 59 19.40 1.89 13.40
C LEU A 59 20.65 2.53 13.97
N GLY A 60 21.50 1.72 14.58
CA GLY A 60 22.73 2.20 15.18
C GLY A 60 23.73 2.69 14.15
N ILE A 206 18.54 -10.64 13.13
CA ILE A 206 17.72 -9.54 13.63
C ILE A 206 17.19 -9.88 15.01
N PHE A 207 17.28 -8.93 15.94
CA PHE A 207 16.82 -9.14 17.30
C PHE A 207 15.53 -8.37 17.55
N GLU A 208 14.60 -8.98 18.29
CA GLU A 208 13.31 -8.38 18.59
C GLU A 208 13.12 -8.29 20.09
N THR A 209 12.64 -7.13 20.55
CA THR A 209 12.35 -6.87 21.95
C THR A 209 10.97 -6.26 22.06
N LYS A 210 10.12 -6.86 22.89
CA LYS A 210 8.75 -6.38 23.10
C LYS A 210 8.61 -5.89 24.53
N PHE A 211 7.96 -4.73 24.69
CA PHE A 211 7.76 -4.19 26.02
C PHE A 211 6.41 -3.49 26.09
N GLN A 212 6.09 -2.98 27.28
CA GLN A 212 4.79 -2.39 27.56
C GLN A 212 4.98 -1.16 28.42
N VAL A 213 4.31 -0.06 28.05
CA VAL A 213 4.34 1.18 28.81
C VAL A 213 2.94 1.76 28.83
N ASP A 214 2.38 1.92 30.04
CA ASP A 214 1.06 2.49 30.25
C ASP A 214 -0.01 1.73 29.45
N LYS A 215 0.06 0.40 29.56
CA LYS A 215 -0.90 -0.50 28.92
C LYS A 215 -0.90 -0.31 27.41
N VAL A 216 0.28 -0.05 26.85
CA VAL A 216 0.44 0.11 25.41
C VAL A 216 1.60 -0.79 24.97
N ASN A 217 1.34 -1.63 23.97
CA ASN A 217 2.32 -2.60 23.53
C ASN A 217 3.28 -1.98 22.52
N PHE A 218 4.57 -2.25 22.69
CA PHE A 218 5.59 -1.68 21.83
C PHE A 218 6.54 -2.78 21.39
N HIS A 219 7.01 -2.69 20.15
CA HIS A 219 7.92 -3.66 19.56
C HIS A 219 9.11 -2.92 18.95
N MET A 220 10.32 -3.46 19.16
CA MET A 220 11.54 -2.87 18.62
C MET A 220 12.42 -3.95 18.00
N PHE A 221 12.96 -3.67 16.81
CA PHE A 221 13.84 -4.60 16.13
C PHE A 221 15.20 -3.94 15.88
N ASP A 222 16.24 -4.75 15.92
CA ASP A 222 17.61 -4.30 15.68
C ASP A 222 18.23 -5.19 14.62
N VAL A 223 18.82 -4.58 13.60
CA VAL A 223 19.45 -5.29 12.51
C VAL A 223 20.95 -5.04 12.58
N GLY A 224 21.71 -6.08 12.88
CA GLY A 224 23.16 -5.98 12.97
C GLY A 224 23.85 -7.20 12.40
N GLY A 225 23.06 -8.13 11.86
CA GLY A 225 23.62 -9.32 11.26
C GLY A 225 23.65 -9.27 9.75
N GLN A 226 23.55 -8.06 9.20
CA GLN A 226 23.54 -7.87 7.75
C GLN A 226 24.73 -7.00 7.35
N ARG A 227 25.03 -7.02 6.05
CA ARG A 227 26.11 -6.23 5.50
C ARG A 227 25.75 -4.74 5.55
N ASP A 228 26.74 -3.90 5.23
CA ASP A 228 26.54 -2.46 5.19
C ASP A 228 26.07 -1.99 3.81
N GLU A 229 25.08 -2.69 3.26
CA GLU A 229 24.45 -2.35 1.98
C GLU A 229 22.96 -2.44 2.21
N ARG A 230 22.35 -1.30 2.59
CA ARG A 230 21.00 -1.27 3.11
C ARG A 230 19.93 -1.04 2.05
N ARG A 231 20.29 -0.90 0.78
CA ARG A 231 19.30 -0.47 -0.20
C ARG A 231 18.28 -1.54 -0.55
N LYS A 232 18.45 -2.78 -0.07
CA LYS A 232 17.54 -3.87 -0.41
C LYS A 232 16.73 -4.37 0.78
N TRP A 233 17.31 -4.45 1.98
CA TRP A 233 16.57 -4.91 3.14
C TRP A 233 15.95 -3.78 3.93
N ILE A 234 16.09 -2.53 3.50
CA ILE A 234 15.49 -1.43 4.25
C ILE A 234 14.03 -1.23 3.84
N GLN A 235 13.62 -1.75 2.68
CA GLN A 235 12.24 -1.61 2.25
C GLN A 235 11.29 -2.50 3.04
N CYS A 236 11.80 -3.44 3.84
CA CYS A 236 10.96 -4.26 4.68
C CYS A 236 10.37 -3.50 5.85
N PHE A 237 10.83 -2.28 6.11
CA PHE A 237 10.43 -1.49 7.27
C PHE A 237 9.73 -0.20 6.84
N ASN A 238 8.85 -0.29 5.86
CA ASN A 238 8.17 0.90 5.35
C ASN A 238 6.90 1.24 6.11
N ASP A 239 6.39 0.33 6.93
CA ASP A 239 5.18 0.57 7.71
C ASP A 239 5.46 0.76 9.19
N VAL A 240 6.72 0.94 9.57
CA VAL A 240 7.07 1.18 10.96
C VAL A 240 6.58 2.55 11.40
N THR A 241 6.32 2.71 12.70
CA THR A 241 5.84 3.99 13.21
C THR A 241 6.95 5.04 13.20
N ALA A 242 8.15 4.68 13.65
CA ALA A 242 9.26 5.62 13.68
C ALA A 242 10.57 4.86 13.63
N ILE A 243 11.64 5.59 13.31
CA ILE A 243 12.98 5.05 13.21
C ILE A 243 13.82 5.70 14.30
N ILE A 244 14.53 4.87 15.08
CA ILE A 244 15.39 5.36 16.16
C ILE A 244 16.82 5.39 15.63
N PHE A 245 17.34 6.60 15.42
CA PHE A 245 18.69 6.79 14.88
C PHE A 245 19.63 7.15 16.03
N VAL A 246 20.65 6.33 16.24
CA VAL A 246 21.62 6.53 17.31
C VAL A 246 22.91 7.05 16.69
N VAL A 247 23.36 8.21 17.14
CA VAL A 247 24.56 8.82 16.59
C VAL A 247 25.75 8.58 17.51
N ARG A 264 32.10 11.29 11.36
CA ARG A 264 30.96 10.41 11.63
C ARG A 264 29.64 11.17 11.56
N LEU A 265 29.70 12.47 11.87
CA LEU A 265 28.52 13.31 11.77
C LEU A 265 28.05 13.45 10.33
N GLN A 266 28.99 13.60 9.41
CA GLN A 266 28.63 13.74 7.99
C GLN A 266 28.01 12.46 7.45
N GLU A 267 28.54 11.31 7.88
CA GLU A 267 27.95 10.04 7.48
C GLU A 267 26.52 9.91 7.96
N ALA A 268 26.27 10.32 9.21
CA ALA A 268 24.91 10.28 9.75
C ALA A 268 23.99 11.21 8.98
N LEU A 269 24.46 12.41 8.66
CA LEU A 269 23.65 13.34 7.89
C LEU A 269 23.34 12.81 6.49
N ASN A 270 24.33 12.19 5.86
CA ASN A 270 24.13 11.66 4.51
C ASN A 270 23.14 10.50 4.52
N LEU A 271 23.25 9.61 5.51
CA LEU A 271 22.28 8.52 5.61
C LEU A 271 20.88 9.05 5.91
N PHE A 272 20.78 10.09 6.76
CA PHE A 272 19.50 10.70 7.05
C PHE A 272 18.88 11.28 5.79
N LYS A 273 19.69 11.95 4.96
CA LYS A 273 19.20 12.49 3.69
C LYS A 273 18.77 11.38 2.75
N SER A 274 19.51 10.27 2.72
CA SER A 274 19.15 9.17 1.84
C SER A 274 17.82 8.55 2.25
N ILE A 275 17.63 8.30 3.55
CA ILE A 275 16.35 7.77 4.02
C ILE A 275 15.20 8.74 3.79
N TRP A 276 15.41 10.03 4.06
CA TRP A 276 14.37 11.04 3.95
C TRP A 276 13.76 11.14 2.56
N ASN A 277 14.53 10.84 1.52
CA ASN A 277 14.09 11.02 0.14
C ASN A 277 13.72 9.72 -0.55
N ASN A 278 13.61 8.62 0.19
CA ASN A 278 13.23 7.35 -0.42
C ASN A 278 11.76 7.38 -0.82
N ARG A 279 11.40 6.44 -1.69
CA ARG A 279 10.01 6.39 -2.18
C ARG A 279 9.11 5.59 -1.25
N TRP A 280 9.62 4.51 -0.67
CA TRP A 280 8.82 3.66 0.20
C TRP A 280 8.90 4.06 1.66
N LEU A 281 10.01 4.66 2.09
CA LEU A 281 10.16 5.18 3.44
C LEU A 281 10.02 6.70 3.46
N ARG A 282 9.26 7.26 2.51
CA ARG A 282 9.15 8.71 2.42
C ARG A 282 8.53 9.30 3.67
N THR A 283 7.38 8.77 4.08
CA THR A 283 6.60 9.34 5.19
C THR A 283 6.92 8.58 6.47
N ILE A 284 8.15 8.77 6.97
CA ILE A 284 8.62 8.10 8.18
C ILE A 284 9.32 9.14 9.05
N SER A 285 8.93 9.19 10.33
CA SER A 285 9.56 10.10 11.27
C SER A 285 10.82 9.47 11.86
N VAL A 286 11.75 10.32 12.28
CA VAL A 286 13.04 9.89 12.81
C VAL A 286 13.19 10.45 14.21
N ILE A 287 13.58 9.61 15.16
CA ILE A 287 13.84 10.04 16.54
C ILE A 287 15.35 10.02 16.73
N LEU A 288 15.94 11.21 16.81
CA LEU A 288 17.38 11.34 16.96
C LEU A 288 17.78 11.17 18.41
N PHE A 289 18.94 10.54 18.63
CA PHE A 289 19.52 10.34 19.96
C PHE A 289 20.99 10.69 19.86
N LEU A 290 21.31 11.96 20.10
CA LEU A 290 22.67 12.44 19.94
C LEU A 290 23.55 12.09 21.14
N LYS A 337 26.28 21.64 20.97
CA LYS A 337 25.16 20.71 20.87
C LYS A 337 24.08 21.25 19.94
N TYR A 338 23.76 22.54 20.09
CA TYR A 338 22.70 23.14 19.28
C TYR A 338 23.10 23.24 17.81
N PHE A 339 24.40 23.28 17.51
CA PHE A 339 24.84 23.36 16.12
C PHE A 339 24.48 22.09 15.35
N ILE A 340 24.73 20.93 15.94
CA ILE A 340 24.40 19.66 15.29
C ILE A 340 22.90 19.53 15.12
N ARG A 341 22.14 19.88 16.16
CA ARG A 341 20.69 19.83 16.07
C ARG A 341 20.17 20.74 14.96
N ASP A 342 20.73 21.95 14.86
CA ASP A 342 20.30 22.88 13.82
C ASP A 342 20.65 22.36 12.43
N GLU A 343 21.83 21.74 12.29
CA GLU A 343 22.22 21.18 11.00
C GLU A 343 21.27 20.06 10.59
N PHE A 344 20.89 19.20 11.54
CA PHE A 344 19.92 18.14 11.23
C PHE A 344 18.55 18.73 10.89
N LEU A 345 18.09 19.73 11.64
CA LEU A 345 16.78 20.30 11.39
C LEU A 345 16.74 21.07 10.08
N ARG A 346 17.90 21.54 9.60
CA ARG A 346 17.96 22.21 8.31
C ARG A 346 17.56 21.26 7.18
N ILE A 347 18.05 20.02 7.22
CA ILE A 347 17.64 19.03 6.23
C ILE A 347 16.28 18.44 6.55
N SER A 348 15.90 18.40 7.82
CA SER A 348 14.58 17.90 8.21
C SER A 348 13.45 18.79 7.71
N THR A 349 13.62 20.10 7.77
CA THR A 349 12.59 21.05 7.38
C THR A 349 12.72 21.52 5.94
N ALA A 350 13.69 20.98 5.19
CA ALA A 350 13.87 21.39 3.80
C ALA A 350 12.70 20.94 2.94
N SER A 351 12.21 19.71 3.16
CA SER A 351 11.14 19.16 2.35
C SER A 351 10.18 18.41 3.27
N GLY A 352 9.27 17.63 2.67
CA GLY A 352 8.31 16.83 3.39
C GLY A 352 6.88 17.32 3.27
N ASP A 353 6.68 18.60 3.01
CA ASP A 353 5.34 19.17 2.86
C ASP A 353 4.48 18.91 4.09
N GLY A 354 5.10 18.96 5.26
CA GLY A 354 4.39 18.75 6.50
C GLY A 354 3.81 17.36 6.67
N ARG A 355 4.59 16.34 6.31
CA ARG A 355 4.18 14.95 6.46
C ARG A 355 4.96 14.19 7.52
N HIS A 356 6.19 14.61 7.82
CA HIS A 356 7.01 13.97 8.83
C HIS A 356 7.89 15.02 9.49
N TYR A 357 8.25 14.78 10.74
CA TYR A 357 9.02 15.73 11.52
C TYR A 357 10.27 15.02 12.06
N CYS A 358 11.04 15.74 12.86
CA CYS A 358 12.23 15.20 13.51
C CYS A 358 12.20 15.58 14.98
N TYR A 359 12.59 14.64 15.84
CA TYR A 359 12.54 14.81 17.28
C TYR A 359 13.92 14.55 17.88
N PRO A 360 14.80 15.55 17.89
CA PRO A 360 16.15 15.33 18.43
C PRO A 360 16.14 15.31 19.96
N HIS A 361 16.99 14.46 20.53
CA HIS A 361 17.14 14.34 21.97
C HIS A 361 18.63 14.26 22.31
N PHE A 362 18.99 14.84 23.45
CA PHE A 362 20.37 14.89 23.92
C PHE A 362 20.51 13.91 25.09
N THR A 363 21.17 12.79 24.83
CA THR A 363 21.40 11.79 25.87
C THR A 363 22.89 11.44 25.94
N THR A 368 15.60 5.42 32.45
CA THR A 368 14.19 5.21 32.13
C THR A 368 13.57 6.46 31.54
N GLU A 369 14.42 7.40 31.13
CA GLU A 369 13.96 8.63 30.47
C GLU A 369 13.78 8.44 28.97
N ASN A 370 14.62 7.61 28.35
CA ASN A 370 14.57 7.40 26.91
C ASN A 370 13.23 6.78 26.49
N ILE A 371 12.76 5.79 27.25
CA ILE A 371 11.50 5.14 26.94
C ILE A 371 10.35 6.14 27.01
N ARG A 372 10.36 7.00 28.03
CA ARG A 372 9.30 7.99 28.18
C ARG A 372 9.34 8.98 27.02
N ARG A 373 10.54 9.40 26.61
CA ARG A 373 10.65 10.31 25.46
C ARG A 373 10.07 9.67 24.21
N VAL A 374 10.45 8.41 23.94
CA VAL A 374 9.95 7.72 22.76
C VAL A 374 8.43 7.60 22.82
N PHE A 375 7.89 7.30 24.00
CA PHE A 375 6.44 7.21 24.18
C PHE A 375 5.77 8.54 23.82
N ASN A 376 6.32 9.65 24.30
CA ASN A 376 5.72 10.95 24.03
C ASN A 376 5.75 11.28 22.54
N ASP A 377 6.88 11.03 21.88
CA ASP A 377 6.95 11.32 20.45
C ASP A 377 5.98 10.44 19.65
N CYS A 378 5.85 9.17 20.05
CA CYS A 378 4.92 8.28 19.37
C CYS A 378 3.48 8.77 19.52
N ARG A 379 3.12 9.23 20.73
CA ARG A 379 1.79 9.77 20.93
C ARG A 379 1.55 10.99 20.06
N ASP A 380 2.55 11.87 19.97
CA ASP A 380 2.41 13.07 19.13
C ASP A 380 2.24 12.70 17.67
N ILE A 381 3.01 11.71 17.19
CA ILE A 381 2.92 11.29 15.79
C ILE A 381 1.52 10.75 15.49
N ILE A 382 1.01 9.88 16.36
CA ILE A 382 -0.30 9.28 16.09
C ILE A 382 -1.40 10.35 16.16
N GLN A 383 -1.28 11.30 17.09
CA GLN A 383 -2.27 12.37 17.16
C GLN A 383 -2.27 13.20 15.88
N ARG A 384 -1.08 13.53 15.36
CA ARG A 384 -1.03 14.31 14.13
C ARG A 384 -1.62 13.53 12.97
N MET A 385 -1.38 12.22 12.92
CA MET A 385 -1.98 11.39 11.89
C MET A 385 -3.51 11.41 11.96
N HIS A 386 -4.05 11.30 13.18
CA HIS A 386 -5.50 11.36 13.34
C HIS A 386 -6.05 12.74 12.95
N LEU A 387 -5.31 13.81 13.29
CA LEU A 387 -5.73 15.15 12.90
C LEU A 387 -5.81 15.28 11.38
N ARG A 388 -4.80 14.78 10.68
CA ARG A 388 -4.83 14.81 9.22
C ARG A 388 -6.01 14.01 8.69
N GLN A 389 -6.34 12.90 9.36
CA GLN A 389 -7.45 12.07 8.88
C GLN A 389 -8.79 12.80 8.96
N TYR A 390 -9.04 13.52 10.05
CA TYR A 390 -10.34 14.12 10.30
C TYR A 390 -10.50 15.53 9.72
N GLU A 391 -9.56 15.96 8.88
CA GLU A 391 -9.62 17.27 8.21
C GLU A 391 -9.57 18.43 9.19
N LEU A 392 -8.81 18.26 10.27
CA LEU A 392 -8.56 19.33 11.22
C LEU A 392 -7.14 19.87 11.12
N LEU A 393 -6.39 19.49 10.10
CA LEU A 393 -5.02 19.95 9.91
C LEU A 393 -4.59 19.72 8.46
N GLN B 26 45.36 -6.20 -16.47
CA GLN B 26 46.06 -6.50 -17.71
C GLN B 26 45.54 -7.80 -18.33
N GLU B 27 45.78 -8.93 -17.64
CA GLU B 27 45.30 -10.22 -18.13
C GLU B 27 43.77 -10.25 -18.19
N ALA B 28 43.12 -9.71 -17.17
CA ALA B 28 41.66 -9.71 -17.12
C ALA B 28 41.08 -8.90 -18.28
N GLU B 29 41.68 -7.74 -18.57
CA GLU B 29 41.22 -6.91 -19.68
C GLU B 29 41.38 -7.63 -21.00
N GLN B 30 42.52 -8.30 -21.20
CA GLN B 30 42.74 -9.04 -22.44
C GLN B 30 41.74 -10.16 -22.60
N LEU B 31 41.48 -10.89 -21.52
CA LEU B 31 40.51 -11.98 -21.58
C LEU B 31 39.11 -11.45 -21.89
N LYS B 32 38.74 -10.33 -21.27
CA LYS B 32 37.43 -9.73 -21.53
C LYS B 32 37.32 -9.31 -23.00
N ASN B 33 38.38 -8.70 -23.54
CA ASN B 33 38.36 -8.29 -24.94
C ASN B 33 38.25 -9.50 -25.87
N GLN B 34 38.97 -10.57 -25.56
CA GLN B 34 38.87 -11.79 -26.37
C GLN B 34 37.46 -12.36 -26.33
N ILE B 35 36.85 -12.40 -25.15
CA ILE B 35 35.50 -12.93 -25.03
C ILE B 35 34.52 -12.05 -25.81
N ARG B 36 34.69 -10.72 -25.74
CA ARG B 36 33.82 -9.83 -26.49
C ARG B 36 33.96 -10.04 -27.99
N ASP B 37 35.19 -10.21 -28.48
CA ASP B 37 35.40 -10.43 -29.91
C ASP B 37 34.78 -11.75 -30.35
N ALA B 38 34.94 -12.81 -29.55
CA ALA B 38 34.28 -14.08 -29.87
C ALA B 38 32.77 -13.93 -29.91
N ARG B 39 32.21 -13.18 -28.95
CA ARG B 39 30.77 -12.96 -28.92
C ARG B 39 30.28 -12.22 -30.16
N LYS B 40 31.05 -11.21 -30.59
CA LYS B 40 30.69 -10.51 -31.82
C LYS B 40 30.79 -11.42 -33.02
N ALA B 41 31.80 -12.30 -33.04
CA ALA B 41 32.01 -13.17 -34.19
C ALA B 41 30.89 -14.20 -34.34
N CYS B 42 30.42 -14.78 -33.23
CA CYS B 42 29.43 -15.84 -33.36
C CYS B 42 28.04 -15.32 -33.72
N ALA B 43 27.82 -14.01 -33.68
CA ALA B 43 26.51 -13.44 -33.95
C ALA B 43 26.44 -12.95 -35.38
N ASP B 44 25.40 -13.35 -36.11
CA ASP B 44 25.18 -12.91 -37.48
C ASP B 44 23.78 -12.38 -37.75
N ALA B 45 22.78 -12.88 -37.04
CA ALA B 45 21.39 -12.45 -37.23
C ALA B 45 20.78 -12.15 -35.88
N THR B 46 19.66 -11.44 -35.91
CA THR B 46 18.92 -11.07 -34.71
C THR B 46 17.65 -11.91 -34.59
N LEU B 47 17.06 -11.90 -33.40
CA LEU B 47 15.78 -12.57 -33.18
C LEU B 47 14.62 -11.81 -33.82
N SER B 48 14.77 -10.50 -34.03
CA SER B 48 13.72 -9.72 -34.67
C SER B 48 13.67 -9.91 -36.18
N GLN B 49 14.83 -10.04 -36.82
CA GLN B 49 14.86 -10.19 -38.28
C GLN B 49 14.29 -11.54 -38.71
N ILE B 50 14.55 -12.60 -37.93
CA ILE B 50 14.02 -13.92 -38.25
C ILE B 50 12.54 -14.06 -37.93
N THR B 51 12.02 -13.28 -36.99
CA THR B 51 10.62 -13.37 -36.58
C THR B 51 9.84 -12.16 -37.08
N ASN B 52 10.16 -11.70 -38.29
CA ASN B 52 9.45 -10.58 -38.90
C ASN B 52 8.26 -11.02 -39.74
N ASN B 53 8.02 -12.32 -39.90
CA ASN B 53 6.93 -12.82 -40.71
C ASN B 53 5.89 -13.59 -39.92
N ILE B 54 6.15 -13.89 -38.64
CA ILE B 54 5.19 -14.64 -37.85
C ILE B 54 3.98 -13.77 -37.56
N ASP B 55 2.80 -14.41 -37.48
CA ASP B 55 1.58 -13.68 -37.18
C ASP B 55 1.58 -13.23 -35.72
N PRO B 56 1.16 -12.00 -35.46
CA PRO B 56 1.12 -11.51 -34.08
C PRO B 56 0.08 -12.24 -33.24
N VAL B 57 0.32 -12.24 -31.93
CA VAL B 57 -0.54 -12.97 -31.01
C VAL B 57 -1.96 -12.42 -31.02
N GLY B 58 -2.11 -11.11 -30.95
CA GLY B 58 -3.41 -10.48 -30.79
C GLY B 58 -3.49 -9.70 -29.49
N ARG B 59 -4.72 -9.30 -29.16
CA ARG B 59 -4.99 -8.55 -27.94
C ARG B 59 -5.37 -9.55 -26.85
N ILE B 60 -4.48 -9.72 -25.88
CA ILE B 60 -4.71 -10.64 -24.77
C ILE B 60 -5.56 -9.93 -23.72
N GLN B 61 -6.80 -10.36 -23.58
CA GLN B 61 -7.73 -9.81 -22.58
C GLN B 61 -7.97 -10.86 -21.51
N MET B 62 -7.57 -10.56 -20.29
CA MET B 62 -7.73 -11.46 -19.16
C MET B 62 -8.42 -10.72 -18.03
N ARG B 63 -9.22 -11.45 -17.26
CA ARG B 63 -10.00 -10.86 -16.17
C ARG B 63 -9.83 -11.70 -14.91
N THR B 64 -10.18 -11.10 -13.78
CA THR B 64 -10.04 -11.76 -12.49
C THR B 64 -11.16 -12.77 -12.31
N ARG B 65 -10.79 -14.00 -11.96
CA ARG B 65 -11.74 -15.08 -11.74
C ARG B 65 -11.93 -15.43 -10.26
N ARG B 66 -10.93 -15.18 -9.44
CA ARG B 66 -10.98 -15.46 -8.01
C ARG B 66 -10.27 -14.35 -7.27
N THR B 67 -10.66 -14.14 -6.01
CA THR B 67 -10.00 -13.17 -5.14
C THR B 67 -9.85 -13.79 -3.77
N LEU B 68 -8.62 -13.91 -3.31
CA LEU B 68 -8.30 -14.52 -2.02
C LEU B 68 -7.87 -13.44 -1.05
N ARG B 69 -8.57 -13.31 0.06
CA ARG B 69 -8.37 -12.21 1.00
C ARG B 69 -8.39 -12.73 2.42
N GLY B 70 -7.21 -13.04 2.97
CA GLY B 70 -7.12 -13.43 4.36
C GLY B 70 -5.92 -12.87 5.10
N HIS B 71 -5.01 -12.20 4.39
CA HIS B 71 -3.80 -11.67 5.01
C HIS B 71 -4.05 -10.30 5.62
N LEU B 72 -3.19 -9.92 6.57
CA LEU B 72 -3.29 -8.63 7.25
C LEU B 72 -2.26 -7.62 6.78
N ALA B 73 -1.06 -8.05 6.41
CA ALA B 73 -0.01 -7.18 5.93
C ALA B 73 0.33 -7.54 4.48
N LYS B 74 1.31 -6.83 3.94
CA LYS B 74 1.66 -6.99 2.54
C LYS B 74 2.22 -8.38 2.25
N ILE B 75 1.81 -8.95 1.11
CA ILE B 75 2.27 -10.26 0.66
C ILE B 75 3.63 -10.14 0.02
N TYR B 76 4.50 -11.13 0.23
CA TYR B 76 5.87 -11.00 -0.25
C TYR B 76 6.22 -12.07 -1.29
N ALA B 77 5.64 -13.27 -1.18
CA ALA B 77 5.96 -14.36 -2.07
C ALA B 77 4.77 -15.32 -2.18
N MET B 78 4.78 -16.13 -3.24
CA MET B 78 3.77 -17.15 -3.47
C MET B 78 4.35 -18.23 -4.38
N HIS B 79 3.87 -19.46 -4.22
CA HIS B 79 4.27 -20.58 -5.07
C HIS B 79 3.09 -21.49 -5.34
N TRP B 80 2.97 -21.95 -6.58
CA TRP B 80 1.90 -22.82 -7.02
C TRP B 80 2.16 -24.24 -6.54
N GLY B 81 1.27 -25.17 -6.90
CA GLY B 81 1.45 -26.56 -6.55
C GLY B 81 1.53 -27.42 -7.80
N THR B 82 1.94 -28.67 -7.61
CA THR B 82 2.11 -29.58 -8.74
C THR B 82 0.80 -29.93 -9.41
N ASP B 83 -0.28 -30.05 -8.64
CA ASP B 83 -1.59 -30.40 -9.19
C ASP B 83 -2.33 -29.19 -9.74
N SER B 84 -1.75 -27.99 -9.65
CA SER B 84 -2.34 -26.77 -10.19
C SER B 84 -3.66 -26.42 -9.52
N ARG B 85 -3.82 -26.78 -8.25
CA ARG B 85 -5.06 -26.50 -7.53
C ARG B 85 -4.80 -25.88 -6.17
N LEU B 86 -3.63 -26.17 -5.58
CA LEU B 86 -3.26 -25.64 -4.28
C LEU B 86 -2.06 -24.72 -4.43
N LEU B 87 -1.97 -23.72 -3.56
CA LEU B 87 -0.83 -22.82 -3.55
C LEU B 87 -0.62 -22.30 -2.14
N VAL B 88 0.59 -21.78 -1.89
CA VAL B 88 0.96 -21.25 -0.58
C VAL B 88 1.38 -19.79 -0.76
N SER B 89 1.06 -18.99 0.25
CA SER B 89 1.34 -17.57 0.25
C SER B 89 1.97 -17.16 1.58
N ALA B 90 2.85 -16.16 1.51
CA ALA B 90 3.61 -15.66 2.64
C ALA B 90 3.47 -14.15 2.74
N SER B 91 3.32 -13.64 3.96
CA SER B 91 3.12 -12.22 4.20
C SER B 91 4.03 -11.73 5.32
N GLN B 92 4.24 -10.41 5.35
CA GLN B 92 5.13 -9.80 6.32
C GLN B 92 4.55 -9.75 7.72
N ASP B 93 3.29 -10.13 7.91
CA ASP B 93 2.74 -10.20 9.26
C ASP B 93 3.12 -11.47 9.99
N GLY B 94 3.69 -12.47 9.29
CA GLY B 94 4.17 -13.68 9.93
C GLY B 94 3.27 -14.88 9.78
N LYS B 95 2.75 -15.13 8.57
CA LYS B 95 1.81 -16.20 8.33
C LYS B 95 2.12 -16.90 7.01
N LEU B 96 1.83 -18.19 6.96
CA LEU B 96 1.83 -18.97 5.73
C LEU B 96 0.41 -19.50 5.54
N ILE B 97 -0.17 -19.30 4.37
CA ILE B 97 -1.55 -19.71 4.11
C ILE B 97 -1.58 -20.62 2.88
N ILE B 98 -2.28 -21.75 3.01
CA ILE B 98 -2.47 -22.69 1.90
C ILE B 98 -3.90 -22.57 1.41
N TRP B 99 -4.05 -22.37 0.11
CA TRP B 99 -5.35 -22.07 -0.50
C TRP B 99 -5.87 -23.25 -1.31
N ASP B 100 -7.10 -23.11 -1.77
CA ASP B 100 -7.72 -24.01 -2.75
C ASP B 100 -8.39 -23.12 -3.78
N SER B 101 -7.68 -22.84 -4.88
CA SER B 101 -8.14 -21.84 -5.83
C SER B 101 -9.44 -22.20 -6.53
N TYR B 102 -9.85 -23.47 -6.49
CA TYR B 102 -11.12 -23.85 -7.10
C TYR B 102 -12.30 -23.35 -6.28
N THR B 103 -12.24 -23.52 -4.96
CA THR B 103 -13.34 -23.17 -4.07
C THR B 103 -13.04 -21.99 -3.16
N THR B 104 -11.81 -21.47 -3.18
CA THR B 104 -11.38 -20.28 -2.43
C THR B 104 -11.25 -20.60 -0.94
N ASN B 105 -11.64 -21.81 -0.55
CA ASN B 105 -11.53 -22.22 0.84
C ASN B 105 -10.06 -22.34 1.25
N LYS B 106 -9.81 -22.08 2.53
CA LYS B 106 -8.47 -22.23 3.09
C LYS B 106 -8.26 -23.65 3.60
N VAL B 107 -6.99 -24.03 3.73
CA VAL B 107 -6.64 -25.38 4.16
C VAL B 107 -5.80 -25.34 5.42
N HIS B 108 -4.65 -24.67 5.35
CA HIS B 108 -3.72 -24.59 6.47
C HIS B 108 -3.30 -23.14 6.70
N ALA B 109 -3.16 -22.78 7.97
CA ALA B 109 -2.60 -21.49 8.37
C ALA B 109 -1.50 -21.74 9.39
N ILE B 110 -0.27 -21.37 9.06
CA ILE B 110 0.90 -21.66 9.85
C ILE B 110 1.50 -20.35 10.35
N PRO B 111 1.55 -20.11 11.65
CA PRO B 111 2.31 -18.96 12.17
C PRO B 111 3.81 -19.23 12.14
N LEU B 112 4.57 -18.16 11.99
CA LEU B 112 6.02 -18.25 11.85
C LEU B 112 6.71 -17.67 13.07
N ARG B 113 7.93 -18.15 13.32
CA ARG B 113 8.70 -17.67 14.47
C ARG B 113 9.19 -16.25 14.26
N SER B 114 9.60 -15.92 13.04
CA SER B 114 10.09 -14.59 12.70
C SER B 114 9.11 -13.91 11.74
N SER B 115 8.85 -12.63 11.99
CA SER B 115 7.85 -11.89 11.23
C SER B 115 8.36 -11.40 9.88
N TRP B 116 9.65 -11.48 9.62
CA TRP B 116 10.23 -10.94 8.38
C TRP B 116 10.58 -12.11 7.46
N VAL B 117 9.61 -12.49 6.64
CA VAL B 117 9.75 -13.60 5.70
C VAL B 117 9.63 -13.03 4.29
N MET B 118 10.51 -13.46 3.39
CA MET B 118 10.53 -12.93 2.04
C MET B 118 10.70 -14.01 0.98
N THR B 119 10.41 -15.27 1.30
CA THR B 119 10.42 -16.33 0.31
C THR B 119 9.64 -17.53 0.83
N CYS B 120 9.09 -18.32 -0.09
CA CYS B 120 8.37 -19.54 0.23
C CYS B 120 8.47 -20.49 -0.95
N ALA B 121 8.25 -21.78 -0.69
CA ALA B 121 8.38 -22.79 -1.72
C ALA B 121 7.47 -23.98 -1.44
N TYR B 122 7.16 -24.72 -2.51
CA TYR B 122 6.28 -25.89 -2.48
C TYR B 122 7.06 -27.09 -2.99
N ALA B 123 7.02 -28.18 -2.23
CA ALA B 123 7.72 -29.39 -2.65
C ALA B 123 6.98 -30.05 -3.81
N PRO B 124 7.70 -30.61 -4.78
CA PRO B 124 7.01 -31.23 -5.92
C PRO B 124 6.08 -32.37 -5.54
N SER B 125 6.43 -33.15 -4.51
CA SER B 125 5.53 -34.20 -4.06
C SER B 125 4.26 -33.62 -3.45
N GLY B 126 4.37 -32.47 -2.78
CA GLY B 126 3.23 -31.79 -2.22
C GLY B 126 3.03 -31.96 -0.73
N ASN B 127 4.03 -32.46 0.01
CA ASN B 127 3.88 -32.64 1.44
C ASN B 127 4.99 -31.94 2.19
N TYR B 128 5.46 -30.80 1.68
CA TYR B 128 6.47 -30.01 2.35
C TYR B 128 6.33 -28.56 1.89
N VAL B 129 6.62 -27.63 2.80
CA VAL B 129 6.74 -26.22 2.46
C VAL B 129 8.00 -25.67 3.10
N ALA B 130 8.51 -24.58 2.54
CA ALA B 130 9.72 -23.95 3.05
C ALA B 130 9.54 -22.44 3.06
N CYS B 131 10.27 -21.78 3.96
CA CYS B 131 10.21 -20.33 4.08
C CYS B 131 11.51 -19.81 4.68
N GLY B 132 11.73 -18.50 4.52
CA GLY B 132 12.91 -17.86 5.06
C GLY B 132 12.83 -16.37 4.90
N GLY B 133 13.77 -15.66 5.53
CA GLY B 133 13.76 -14.22 5.48
C GLY B 133 14.94 -13.53 6.14
N LEU B 134 14.66 -12.48 6.92
CA LEU B 134 15.68 -11.66 7.57
C LEU B 134 16.37 -12.36 8.74
N ASP B 135 16.05 -13.61 9.02
CA ASP B 135 16.70 -14.35 10.10
C ASP B 135 17.85 -15.22 9.62
N ASN B 136 18.19 -15.18 8.33
CA ASN B 136 19.28 -15.96 7.75
C ASN B 136 19.13 -17.46 8.00
N ILE B 137 17.89 -17.96 7.97
CA ILE B 137 17.59 -19.36 8.26
C ILE B 137 16.51 -19.83 7.30
N CYS B 138 16.58 -21.09 6.88
CA CYS B 138 15.56 -21.71 6.04
C CYS B 138 14.79 -22.75 6.86
N SER B 139 13.48 -22.59 6.97
CA SER B 139 12.65 -23.49 7.74
C SER B 139 11.76 -24.32 6.82
N ILE B 140 11.71 -25.62 7.09
CA ILE B 140 10.94 -26.58 6.30
C ILE B 140 9.89 -27.21 7.21
N TYR B 141 8.63 -27.12 6.80
CA TYR B 141 7.47 -27.65 7.49
C TYR B 141 6.86 -28.82 6.72
N ASN B 142 6.30 -29.76 7.48
CA ASN B 142 5.69 -30.97 6.97
C ASN B 142 4.18 -30.89 7.09
N LEU B 143 3.48 -31.14 5.98
CA LEU B 143 2.03 -31.00 5.93
C LEU B 143 1.28 -32.31 6.18
N LYS B 144 1.90 -33.46 5.92
CA LYS B 144 1.24 -34.73 6.16
C LYS B 144 1.65 -35.33 7.50
N THR B 145 1.27 -34.66 8.59
CA THR B 145 1.53 -35.17 9.92
C THR B 145 0.35 -36.00 10.41
N VAL B 150 0.28 -29.17 11.25
CA VAL B 150 1.52 -28.80 10.60
C VAL B 150 2.56 -28.38 11.63
N ARG B 151 3.64 -29.15 11.72
CA ARG B 151 4.73 -28.88 12.65
C ARG B 151 6.03 -28.76 11.86
N VAL B 152 6.95 -27.96 12.38
CA VAL B 152 8.21 -27.71 11.68
C VAL B 152 9.01 -29.00 11.58
N SER B 153 9.72 -29.16 10.47
CA SER B 153 10.55 -30.33 10.23
C SER B 153 12.03 -30.04 10.37
N ARG B 154 12.51 -28.94 9.81
CA ARG B 154 13.93 -28.63 9.91
C ARG B 154 14.17 -27.12 9.88
N GLU B 155 15.31 -26.72 10.43
CA GLU B 155 15.72 -25.32 10.55
C GLU B 155 17.20 -25.23 10.13
N LEU B 156 17.45 -25.01 8.85
CA LEU B 156 18.81 -24.96 8.32
C LEU B 156 19.41 -23.57 8.53
N ALA B 157 20.61 -23.56 9.12
CA ALA B 157 21.34 -22.33 9.40
C ALA B 157 22.75 -22.44 8.85
N GLY B 158 23.37 -21.28 8.62
CA GLY B 158 24.71 -21.27 8.06
C GLY B 158 25.01 -20.11 7.12
N HIS B 159 23.98 -19.43 6.64
CA HIS B 159 24.19 -18.25 5.83
C HIS B 159 24.61 -17.06 6.70
N THR B 160 25.11 -16.02 6.04
CA THR B 160 25.60 -14.82 6.71
C THR B 160 24.68 -13.62 6.43
N GLY B 161 23.74 -13.78 5.51
CA GLY B 161 22.81 -12.71 5.20
C GLY B 161 21.44 -13.28 4.93
N TYR B 162 20.50 -12.37 4.71
CA TYR B 162 19.10 -12.74 4.54
C TYR B 162 18.91 -13.61 3.30
N LEU B 163 17.97 -14.54 3.39
CA LEU B 163 17.63 -15.41 2.27
C LEU B 163 16.72 -14.68 1.28
N SER B 164 16.94 -14.93 -0.01
CA SER B 164 16.15 -14.33 -1.06
C SER B 164 15.28 -15.31 -1.82
N CYS B 165 15.72 -16.55 -2.00
CA CYS B 165 14.94 -17.53 -2.73
C CYS B 165 15.31 -18.93 -2.27
N CYS B 166 14.40 -19.88 -2.49
CA CYS B 166 14.65 -21.28 -2.20
C CYS B 166 13.76 -22.13 -3.09
N ARG B 167 14.31 -23.21 -3.64
CA ARG B 167 13.61 -24.08 -4.57
C ARG B 167 13.88 -25.53 -4.23
N PHE B 168 12.83 -26.33 -4.12
CA PHE B 168 12.96 -27.74 -3.84
C PHE B 168 13.41 -28.50 -5.09
N LEU B 169 14.29 -29.48 -4.90
CA LEU B 169 14.66 -30.42 -5.95
C LEU B 169 14.06 -31.80 -5.72
N ASP B 170 13.76 -32.14 -4.48
CA ASP B 170 13.42 -33.48 -4.04
C ASP B 170 13.02 -33.36 -2.58
N ASP B 171 12.58 -34.46 -1.98
CA ASP B 171 12.22 -34.44 -0.57
C ASP B 171 13.42 -34.27 0.35
N ASN B 172 14.65 -34.29 -0.19
CA ASN B 172 15.85 -34.20 0.64
C ASN B 172 16.89 -33.22 0.10
N GLN B 173 16.60 -32.50 -0.98
CA GLN B 173 17.54 -31.55 -1.55
C GLN B 173 16.87 -30.21 -1.79
N ILE B 174 17.62 -29.14 -1.56
CA ILE B 174 17.10 -27.78 -1.74
C ILE B 174 18.27 -26.86 -2.08
N VAL B 175 17.97 -25.81 -2.86
CA VAL B 175 18.93 -24.81 -3.27
C VAL B 175 18.43 -23.45 -2.80
N THR B 176 19.30 -22.68 -2.17
CA THR B 176 18.96 -21.36 -1.65
C THR B 176 19.97 -20.33 -2.12
N SER B 177 19.57 -19.05 -2.06
CA SER B 177 20.45 -17.93 -2.34
C SER B 177 20.31 -16.90 -1.21
N SER B 178 21.42 -16.29 -0.82
CA SER B 178 21.40 -15.38 0.33
C SER B 178 21.96 -14.02 -0.05
N GLY B 179 21.84 -13.08 0.89
CA GLY B 179 22.34 -11.73 0.76
C GLY B 179 23.81 -11.54 1.04
N ASP B 180 24.52 -12.60 1.41
CA ASP B 180 25.97 -12.57 1.55
C ASP B 180 26.67 -13.01 0.27
N THR B 181 26.02 -12.83 -0.88
CA THR B 181 26.59 -13.08 -2.21
C THR B 181 26.99 -14.55 -2.40
N THR B 182 26.15 -15.46 -1.89
CA THR B 182 26.42 -16.88 -2.05
C THR B 182 25.12 -17.63 -2.31
N CYS B 183 25.26 -18.81 -2.91
CA CYS B 183 24.18 -19.77 -3.07
C CYS B 183 24.61 -21.09 -2.44
N ALA B 184 23.63 -21.93 -2.10
CA ALA B 184 23.91 -23.13 -1.35
C ALA B 184 23.00 -24.27 -1.79
N LEU B 185 23.53 -25.48 -1.68
CA LEU B 185 22.77 -26.72 -1.88
C LEU B 185 22.88 -27.54 -0.61
N TRP B 186 21.73 -27.85 -0.02
CA TRP B 186 21.64 -28.44 1.31
C TRP B 186 21.24 -29.91 1.24
N ASP B 187 21.45 -30.61 2.35
CA ASP B 187 20.95 -31.96 2.57
C ASP B 187 20.06 -31.94 3.80
N ILE B 188 18.76 -32.16 3.60
CA ILE B 188 17.81 -32.01 4.69
C ILE B 188 17.98 -33.12 5.73
N GLU B 189 18.24 -34.35 5.29
CA GLU B 189 18.38 -35.45 6.24
C GLU B 189 19.48 -35.20 7.25
N THR B 190 20.64 -34.74 6.80
CA THR B 190 21.74 -34.41 7.70
C THR B 190 21.66 -32.97 8.21
N GLY B 191 20.97 -32.08 7.50
CA GLY B 191 20.89 -30.69 7.90
C GLY B 191 22.13 -29.89 7.62
N GLN B 192 22.99 -30.40 6.73
CA GLN B 192 24.28 -29.78 6.45
C GLN B 192 24.32 -29.22 5.04
N GLN B 193 25.30 -28.36 4.81
CA GLN B 193 25.50 -27.70 3.52
C GLN B 193 26.37 -28.59 2.64
N THR B 194 25.75 -29.19 1.62
CA THR B 194 26.49 -30.06 0.72
C THR B 194 27.41 -29.27 -0.20
N THR B 195 26.92 -28.19 -0.79
CA THR B 195 27.73 -27.42 -1.73
C THR B 195 27.49 -25.93 -1.59
N THR B 196 28.53 -25.15 -1.86
CA THR B 196 28.49 -23.68 -1.79
C THR B 196 28.92 -23.13 -3.14
N PHE B 197 28.08 -22.29 -3.73
CA PHE B 197 28.39 -21.61 -4.97
C PHE B 197 28.72 -20.14 -4.69
N THR B 198 29.91 -19.71 -5.12
CA THR B 198 30.40 -18.38 -4.82
C THR B 198 31.03 -17.76 -6.06
N GLY B 199 31.07 -16.43 -6.09
CA GLY B 199 31.59 -15.72 -7.23
C GLY B 199 30.89 -14.40 -7.54
N HIS B 200 29.68 -14.22 -7.01
CA HIS B 200 28.96 -12.97 -7.18
C HIS B 200 29.57 -11.90 -6.29
N THR B 201 29.41 -10.64 -6.68
CA THR B 201 29.89 -9.51 -5.89
C THR B 201 28.75 -8.63 -5.37
N GLY B 202 27.50 -9.12 -5.42
CA GLY B 202 26.38 -8.41 -4.86
C GLY B 202 25.36 -9.39 -4.30
N ASP B 203 24.33 -8.82 -3.67
CA ASP B 203 23.25 -9.62 -3.11
C ASP B 203 22.58 -10.44 -4.20
N VAL B 204 22.40 -11.74 -3.96
CA VAL B 204 21.73 -12.60 -4.92
C VAL B 204 20.23 -12.52 -4.68
N MET B 205 19.46 -12.21 -5.72
CA MET B 205 18.06 -11.86 -5.54
C MET B 205 17.11 -13.01 -5.83
N SER B 206 17.40 -13.84 -6.83
CA SER B 206 16.49 -14.92 -7.20
C SER B 206 17.27 -16.02 -7.91
N LEU B 207 16.68 -17.22 -7.95
CA LEU B 207 17.22 -18.35 -8.67
C LEU B 207 16.10 -19.11 -9.36
N SER B 208 16.45 -19.84 -10.42
CA SER B 208 15.48 -20.61 -11.20
C SER B 208 16.10 -21.93 -11.61
N LEU B 209 15.37 -23.02 -11.37
CA LEU B 209 15.87 -24.37 -11.58
C LEU B 209 15.40 -24.89 -12.94
N ALA B 210 16.32 -25.56 -13.64
CA ALA B 210 16.02 -26.07 -14.97
C ALA B 210 15.13 -27.31 -14.89
N PRO B 211 14.38 -27.60 -15.96
CA PRO B 211 13.56 -28.83 -15.96
C PRO B 211 14.38 -30.10 -15.81
N ASP B 212 15.60 -30.13 -16.35
CA ASP B 212 16.45 -31.31 -16.25
C ASP B 212 17.05 -31.49 -14.86
N THR B 213 16.94 -30.49 -13.98
CA THR B 213 17.47 -30.46 -12.62
C THR B 213 18.98 -30.65 -12.57
N ARG B 214 19.69 -30.51 -13.69
CA ARG B 214 21.14 -30.68 -13.72
C ARG B 214 21.88 -29.37 -13.55
N LEU B 215 21.23 -28.24 -13.80
CA LEU B 215 21.85 -26.93 -13.65
C LEU B 215 20.77 -25.90 -13.34
N PHE B 216 21.21 -24.74 -12.85
CA PHE B 216 20.29 -23.64 -12.57
C PHE B 216 20.98 -22.32 -12.87
N VAL B 217 20.24 -21.22 -12.69
CA VAL B 217 20.71 -19.89 -13.06
C VAL B 217 20.42 -18.94 -11.91
N SER B 218 21.17 -17.83 -11.85
CA SER B 218 21.11 -16.93 -10.72
C SER B 218 21.37 -15.50 -11.15
N GLY B 219 20.77 -14.56 -10.43
CA GLY B 219 20.96 -13.14 -10.70
C GLY B 219 21.16 -12.38 -9.41
N ALA B 220 22.01 -11.35 -9.47
CA ALA B 220 22.43 -10.62 -8.29
C ALA B 220 22.41 -9.12 -8.56
N CYS B 221 22.87 -8.36 -7.56
CA CYS B 221 22.86 -6.91 -7.58
C CYS B 221 24.10 -6.31 -8.23
N ASP B 222 24.99 -7.14 -8.76
CA ASP B 222 26.14 -6.66 -9.51
C ASP B 222 25.85 -6.52 -11.00
N ALA B 223 24.57 -6.59 -11.38
CA ALA B 223 24.12 -6.46 -12.77
C ALA B 223 24.70 -7.56 -13.66
N SER B 224 24.62 -8.80 -13.18
CA SER B 224 25.11 -9.93 -13.93
C SER B 224 24.31 -11.17 -13.55
N ALA B 225 24.33 -12.16 -14.42
CA ALA B 225 23.69 -13.44 -14.18
C ALA B 225 24.69 -14.57 -14.42
N LYS B 226 24.50 -15.68 -13.72
CA LYS B 226 25.45 -16.77 -13.75
C LYS B 226 24.72 -18.11 -13.89
N LEU B 227 25.39 -19.06 -14.55
CA LEU B 227 24.86 -20.41 -14.73
C LEU B 227 25.68 -21.39 -13.91
N TRP B 228 25.02 -22.13 -13.02
CA TRP B 228 25.67 -23.04 -12.09
C TRP B 228 25.29 -24.48 -12.40
N ASP B 229 26.29 -25.36 -12.31
CA ASP B 229 26.10 -26.79 -12.49
C ASP B 229 26.01 -27.45 -11.12
N VAL B 230 24.88 -28.12 -10.86
CA VAL B 230 24.61 -28.63 -9.52
C VAL B 230 25.56 -29.77 -9.17
N ARG B 231 25.88 -30.63 -10.14
CA ARG B 231 26.68 -31.81 -9.86
C ARG B 231 28.12 -31.43 -9.51
N GLU B 232 28.82 -30.77 -10.42
CA GLU B 232 30.20 -30.37 -10.15
C GLU B 232 30.27 -29.24 -9.14
N GLY B 233 29.46 -28.21 -9.33
CA GLY B 233 29.43 -27.10 -8.39
C GLY B 233 30.27 -25.90 -8.76
N MET B 234 30.41 -25.61 -10.05
CA MET B 234 31.26 -24.52 -10.52
C MET B 234 30.52 -23.70 -11.57
N CYS B 235 30.91 -22.42 -11.68
CA CYS B 235 30.27 -21.53 -12.63
C CYS B 235 30.75 -21.82 -14.04
N ARG B 236 29.80 -21.95 -14.98
CA ARG B 236 30.11 -22.26 -16.36
C ARG B 236 30.03 -21.04 -17.27
N GLN B 237 29.01 -20.21 -17.12
CA GLN B 237 28.81 -19.05 -17.98
C GLN B 237 28.34 -17.86 -17.15
N THR B 238 28.72 -16.67 -17.61
CA THR B 238 28.33 -15.42 -16.98
C THR B 238 27.83 -14.46 -18.06
N PHE B 239 26.70 -13.82 -17.79
CA PHE B 239 26.03 -12.93 -18.74
C PHE B 239 25.94 -11.54 -18.13
N THR B 240 26.34 -10.53 -18.91
CA THR B 240 26.41 -9.14 -18.43
C THR B 240 25.80 -8.24 -19.48
N GLY B 241 24.54 -7.86 -19.29
CA GLY B 241 23.88 -6.95 -20.22
C GLY B 241 23.08 -5.84 -19.59
N HIS B 242 22.79 -5.94 -18.29
CA HIS B 242 21.97 -4.96 -17.61
C HIS B 242 22.82 -3.81 -17.10
N GLU B 243 22.16 -2.76 -16.61
CA GLU B 243 22.85 -1.60 -16.05
C GLU B 243 22.58 -1.39 -14.56
N SER B 244 21.80 -2.25 -13.92
CA SER B 244 21.49 -2.09 -12.51
C SER B 244 21.14 -3.45 -11.94
N ASP B 245 20.61 -3.46 -10.71
CA ASP B 245 20.38 -4.69 -9.97
C ASP B 245 19.30 -5.54 -10.65
N ILE B 246 19.47 -6.86 -10.57
CA ILE B 246 18.57 -7.81 -11.20
C ILE B 246 17.65 -8.40 -10.14
N ASN B 247 16.34 -8.41 -10.42
CA ASN B 247 15.34 -8.73 -9.41
C ASN B 247 14.69 -10.10 -9.59
N ALA B 248 14.43 -10.52 -10.83
CA ALA B 248 13.70 -11.76 -11.09
C ALA B 248 14.36 -12.54 -12.22
N ILE B 249 14.14 -13.85 -12.22
CA ILE B 249 14.71 -14.75 -13.22
C ILE B 249 13.82 -15.99 -13.33
N CYS B 250 13.78 -16.56 -14.53
CA CYS B 250 13.02 -17.79 -14.77
C CYS B 250 13.56 -18.49 -16.01
N PHE B 251 13.32 -19.80 -16.08
CA PHE B 251 13.78 -20.59 -17.22
C PHE B 251 12.72 -20.69 -18.30
N PHE B 252 13.19 -20.83 -19.54
CA PHE B 252 12.31 -21.14 -20.65
C PHE B 252 11.86 -22.61 -20.58
N PRO B 253 10.70 -22.93 -21.17
CA PRO B 253 10.21 -24.32 -21.09
C PRO B 253 11.18 -25.39 -21.57
N ASN B 254 11.96 -25.16 -22.63
CA ASN B 254 12.85 -26.20 -23.11
C ASN B 254 14.18 -26.22 -22.34
N GLY B 255 14.43 -25.21 -21.52
CA GLY B 255 15.65 -25.15 -20.75
C GLY B 255 16.85 -24.60 -21.50
N ASN B 256 16.66 -24.04 -22.69
CA ASN B 256 17.77 -23.54 -23.49
C ASN B 256 17.88 -22.01 -23.47
N ALA B 257 17.10 -21.32 -22.63
CA ALA B 257 17.15 -19.87 -22.54
C ALA B 257 16.52 -19.43 -21.23
N PHE B 258 16.62 -18.14 -20.94
CA PHE B 258 16.03 -17.59 -19.72
C PHE B 258 15.85 -16.10 -19.87
N ALA B 259 14.93 -15.54 -19.09
CA ALA B 259 14.64 -14.12 -19.07
C ALA B 259 14.86 -13.54 -17.68
N THR B 260 15.20 -12.26 -17.64
CA THR B 260 15.47 -11.61 -16.36
C THR B 260 15.09 -10.14 -16.41
N GLY B 261 14.55 -9.65 -15.30
CA GLY B 261 14.15 -8.26 -15.18
C GLY B 261 14.99 -7.54 -14.13
N SER B 262 15.12 -6.24 -14.31
CA SER B 262 16.11 -5.47 -13.56
C SER B 262 15.50 -4.16 -13.07
N ASP B 263 16.33 -3.40 -12.36
CA ASP B 263 15.95 -2.13 -11.75
C ASP B 263 16.09 -0.95 -12.70
N ASP B 264 16.50 -1.18 -13.94
CA ASP B 264 16.58 -0.14 -14.96
C ASP B 264 15.36 -0.13 -15.87
N ALA B 265 14.27 -0.77 -15.45
CA ALA B 265 12.99 -0.74 -16.16
C ALA B 265 13.04 -1.48 -17.49
N THR B 266 13.78 -2.58 -17.53
CA THR B 266 13.90 -3.38 -18.75
C THR B 266 13.84 -4.86 -18.40
N CYS B 267 13.50 -5.67 -19.39
CA CYS B 267 13.64 -7.12 -19.33
C CYS B 267 14.58 -7.55 -20.44
N ARG B 268 15.27 -8.67 -20.24
CA ARG B 268 16.17 -9.18 -21.27
C ARG B 268 16.12 -10.69 -21.33
N LEU B 269 16.22 -11.23 -22.55
CA LEU B 269 16.24 -12.67 -22.80
C LEU B 269 17.64 -13.07 -23.25
N PHE B 270 18.16 -14.15 -22.69
CA PHE B 270 19.50 -14.63 -22.99
C PHE B 270 19.43 -16.02 -23.60
N ASP B 271 20.58 -16.50 -24.07
CA ASP B 271 20.69 -17.83 -24.66
C ASP B 271 21.92 -18.54 -24.09
N LEU B 272 21.87 -19.87 -24.11
CA LEU B 272 22.91 -20.70 -23.54
C LEU B 272 23.87 -21.26 -24.59
N ARG B 273 23.34 -21.80 -25.69
CA ARG B 273 24.19 -22.34 -26.74
C ARG B 273 24.88 -21.24 -27.53
N ALA B 274 24.28 -20.04 -27.58
CA ALA B 274 24.91 -18.90 -28.21
C ALA B 274 25.65 -18.00 -27.23
N ASP B 275 25.26 -18.02 -25.95
CA ASP B 275 25.97 -17.32 -24.89
C ASP B 275 25.95 -15.80 -25.09
N GLN B 276 24.76 -15.26 -25.37
CA GLN B 276 24.62 -13.81 -25.50
C GLN B 276 23.14 -13.46 -25.45
N GLU B 277 22.87 -12.17 -25.22
CA GLU B 277 21.51 -11.66 -25.18
C GLU B 277 20.92 -11.58 -26.58
N LEU B 278 19.63 -11.86 -26.70
CA LEU B 278 18.93 -11.79 -27.98
C LEU B 278 17.89 -10.67 -28.05
N MET B 279 17.09 -10.47 -27.01
CA MET B 279 15.99 -9.52 -27.07
C MET B 279 15.89 -8.75 -25.76
N THR B 280 15.42 -7.49 -25.88
CA THR B 280 15.16 -6.63 -24.74
C THR B 280 13.74 -6.08 -24.83
N TYR B 281 13.08 -5.96 -23.68
CA TYR B 281 11.70 -5.51 -23.59
C TYR B 281 11.66 -4.26 -22.72
N SER B 282 11.24 -3.15 -23.31
CA SER B 282 11.17 -1.88 -22.60
C SER B 282 10.23 -0.95 -23.36
N HIS B 283 9.87 0.15 -22.70
CA HIS B 283 9.06 1.21 -23.30
C HIS B 283 9.59 2.55 -22.83
N ASP B 284 9.31 3.59 -23.61
CA ASP B 284 9.79 4.93 -23.29
C ASP B 284 9.04 5.55 -22.12
N ASN B 285 7.86 5.06 -21.79
CA ASN B 285 7.05 5.61 -20.71
C ASN B 285 7.09 4.77 -19.44
N ILE B 286 7.96 3.78 -19.36
CA ILE B 286 8.10 2.95 -18.17
C ILE B 286 9.35 3.39 -17.41
N ILE B 287 9.16 3.80 -16.16
CA ILE B 287 10.23 4.30 -15.33
C ILE B 287 10.53 3.37 -14.16
N CYS B 288 9.50 2.73 -13.62
CA CYS B 288 9.65 1.86 -12.47
C CYS B 288 10.39 0.57 -12.84
N GLY B 289 10.93 -0.08 -11.81
CA GLY B 289 11.61 -1.35 -11.99
C GLY B 289 10.66 -2.52 -12.05
N ILE B 290 11.23 -3.70 -12.30
CA ILE B 290 10.48 -4.94 -12.45
C ILE B 290 10.73 -5.81 -11.23
N THR B 291 9.66 -6.38 -10.67
CA THR B 291 9.75 -7.18 -9.46
C THR B 291 9.61 -8.68 -9.70
N SER B 292 8.83 -9.10 -10.70
CA SER B 292 8.57 -10.50 -10.94
C SER B 292 8.55 -10.78 -12.44
N VAL B 293 8.86 -12.03 -12.80
CA VAL B 293 8.93 -12.46 -14.19
C VAL B 293 8.50 -13.93 -14.25
N SER B 294 7.76 -14.28 -15.28
CA SER B 294 7.36 -15.68 -15.49
C SER B 294 7.03 -15.91 -16.96
N PHE B 295 7.01 -17.18 -17.35
CA PHE B 295 6.78 -17.60 -18.72
C PHE B 295 5.45 -18.35 -18.82
N SER B 296 4.96 -18.47 -20.06
CA SER B 296 3.74 -19.21 -20.34
C SER B 296 4.07 -20.67 -20.62
N LYS B 297 3.08 -21.43 -21.07
CA LYS B 297 3.28 -22.86 -21.28
C LYS B 297 4.15 -23.13 -22.50
N SER B 298 3.86 -22.47 -23.62
CA SER B 298 4.61 -22.66 -24.85
C SER B 298 5.76 -21.67 -25.00
N GLY B 299 5.91 -20.74 -24.07
CA GLY B 299 6.93 -19.73 -24.18
C GLY B 299 6.59 -18.56 -25.07
N ARG B 300 5.37 -18.49 -25.58
CA ARG B 300 4.99 -17.39 -26.45
C ARG B 300 4.73 -16.11 -25.67
N LEU B 301 4.30 -16.21 -24.42
CA LEU B 301 3.98 -15.05 -23.60
C LEU B 301 4.94 -14.96 -22.42
N LEU B 302 5.32 -13.75 -22.07
CA LEU B 302 6.16 -13.47 -20.90
C LEU B 302 5.47 -12.43 -20.03
N LEU B 303 5.28 -12.75 -18.76
CA LEU B 303 4.53 -11.91 -17.83
C LEU B 303 5.51 -11.17 -16.92
N ALA B 304 5.30 -9.87 -16.75
CA ALA B 304 6.22 -9.05 -15.95
C ALA B 304 5.45 -8.17 -14.99
N GLY B 305 5.76 -8.29 -13.70
CA GLY B 305 5.16 -7.44 -12.68
C GLY B 305 6.01 -6.23 -12.40
N TYR B 306 5.37 -5.07 -12.30
CA TYR B 306 6.07 -3.80 -12.18
C TYR B 306 5.76 -3.14 -10.84
N ASP B 307 6.45 -2.03 -10.58
CA ASP B 307 6.30 -1.26 -9.35
C ASP B 307 5.20 -0.22 -9.42
N ASP B 308 4.59 -0.01 -10.58
CA ASP B 308 3.52 0.96 -10.76
C ASP B 308 2.13 0.34 -10.71
N PHE B 309 1.96 -0.70 -9.90
CA PHE B 309 0.70 -1.30 -9.44
C PHE B 309 0.07 -2.28 -10.43
N ASN B 310 0.61 -2.48 -11.62
CA ASN B 310 0.03 -3.43 -12.55
C ASN B 310 1.14 -4.18 -13.27
N CYS B 311 0.76 -5.20 -14.02
CA CYS B 311 1.73 -6.04 -14.72
C CYS B 311 1.41 -6.12 -16.21
N ASN B 312 2.42 -6.40 -17.01
CA ASN B 312 2.32 -6.40 -18.46
C ASN B 312 2.55 -7.80 -19.03
N VAL B 313 2.08 -7.98 -20.27
CA VAL B 313 2.25 -9.20 -21.04
C VAL B 313 3.05 -8.84 -22.29
N TRP B 314 4.11 -9.60 -22.56
CA TRP B 314 4.96 -9.39 -23.72
C TRP B 314 4.93 -10.62 -24.61
N ASP B 315 5.00 -10.39 -25.91
CA ASP B 315 5.21 -11.46 -26.86
C ASP B 315 6.70 -11.79 -26.93
N ALA B 316 7.05 -13.04 -26.60
CA ALA B 316 8.46 -13.39 -26.49
C ALA B 316 9.16 -13.34 -27.84
N LEU B 317 8.52 -13.87 -28.89
CA LEU B 317 9.16 -13.93 -30.20
C LEU B 317 9.39 -12.55 -30.78
N LYS B 318 8.41 -11.66 -30.63
CA LYS B 318 8.53 -10.27 -31.08
C LYS B 318 8.19 -9.37 -29.90
N ALA B 319 9.15 -8.55 -29.48
CA ALA B 319 8.97 -7.71 -28.30
C ALA B 319 7.87 -6.70 -28.59
N ASP B 320 6.68 -6.96 -28.06
CA ASP B 320 5.53 -6.10 -28.30
C ASP B 320 4.51 -6.38 -27.22
N ARG B 321 4.08 -5.33 -26.52
CA ARG B 321 3.12 -5.49 -25.44
C ARG B 321 1.78 -5.93 -25.99
N ALA B 322 1.16 -6.91 -25.32
CA ALA B 322 -0.10 -7.46 -25.81
C ALA B 322 -1.20 -7.50 -24.74
N GLY B 323 -0.93 -7.04 -23.53
CA GLY B 323 -1.94 -7.05 -22.48
C GLY B 323 -1.48 -6.46 -21.17
N VAL B 324 -2.43 -6.01 -20.36
CA VAL B 324 -2.16 -5.38 -19.07
C VAL B 324 -3.10 -6.00 -18.06
N LEU B 325 -2.57 -6.48 -16.93
CA LEU B 325 -3.37 -6.88 -15.78
C LEU B 325 -3.24 -5.79 -14.73
N ALA B 326 -4.33 -5.08 -14.49
CA ALA B 326 -4.35 -3.89 -13.63
C ALA B 326 -5.55 -3.97 -12.69
N GLY B 327 -5.32 -4.49 -11.49
CA GLY B 327 -6.36 -4.54 -10.47
C GLY B 327 -5.90 -4.24 -9.07
N HIS B 328 -4.60 -4.04 -8.88
CA HIS B 328 -4.01 -3.92 -7.55
C HIS B 328 -3.80 -2.45 -7.18
N ASP B 329 -3.86 -2.15 -5.88
CA ASP B 329 -3.74 -0.75 -5.42
C ASP B 329 -2.29 -0.45 -4.99
N ASN B 330 -1.47 -1.49 -4.81
CA ASN B 330 -0.08 -1.31 -4.43
C ASN B 330 0.79 -2.13 -5.37
N ARG B 331 2.10 -2.12 -5.14
CA ARG B 331 3.03 -2.72 -6.07
C ARG B 331 2.91 -4.24 -6.08
N VAL B 332 3.01 -4.81 -7.29
CA VAL B 332 2.99 -6.26 -7.43
C VAL B 332 4.34 -6.82 -7.04
N SER B 333 4.34 -7.85 -6.20
CA SER B 333 5.56 -8.42 -5.69
C SER B 333 5.81 -9.87 -6.13
N CYS B 334 4.78 -10.60 -6.55
CA CYS B 334 4.98 -12.01 -6.88
C CYS B 334 3.98 -12.44 -7.94
N LEU B 335 4.42 -13.38 -8.77
CA LEU B 335 3.73 -13.74 -10.00
C LEU B 335 4.00 -15.22 -10.30
N GLY B 336 2.96 -15.96 -10.69
CA GLY B 336 3.14 -17.38 -10.98
C GLY B 336 2.14 -17.89 -11.98
N VAL B 337 2.53 -18.95 -12.68
CA VAL B 337 1.71 -19.58 -13.72
C VAL B 337 1.65 -21.07 -13.44
N THR B 338 0.50 -21.69 -13.70
CA THR B 338 0.29 -23.08 -13.36
C THR B 338 1.12 -24.01 -14.24
N ASP B 339 1.30 -25.24 -13.77
CA ASP B 339 2.01 -26.25 -14.54
C ASP B 339 1.20 -26.72 -15.74
N ASP B 340 -0.12 -26.66 -15.66
CA ASP B 340 -0.99 -26.95 -16.79
C ASP B 340 -1.26 -25.73 -17.67
N GLY B 341 -0.79 -24.55 -17.25
CA GLY B 341 -1.01 -23.33 -18.01
C GLY B 341 -2.44 -22.87 -18.09
N MET B 342 -3.22 -23.06 -17.03
CA MET B 342 -4.64 -22.74 -17.04
C MET B 342 -4.97 -21.43 -16.34
N ALA B 343 -4.15 -20.98 -15.40
CA ALA B 343 -4.42 -19.75 -14.67
C ALA B 343 -3.11 -19.14 -14.20
N VAL B 344 -3.17 -17.84 -13.91
CA VAL B 344 -2.03 -17.11 -13.35
C VAL B 344 -2.46 -16.52 -12.01
N ALA B 345 -1.48 -16.35 -11.12
CA ALA B 345 -1.73 -15.86 -9.77
C ALA B 345 -0.77 -14.72 -9.46
N THR B 346 -1.30 -13.60 -8.97
CA THR B 346 -0.51 -12.42 -8.67
C THR B 346 -0.76 -11.97 -7.23
N GLY B 347 0.32 -11.73 -6.49
CA GLY B 347 0.22 -11.16 -5.17
C GLY B 347 0.68 -9.70 -5.17
N SER B 348 0.36 -9.00 -4.09
CA SER B 348 0.58 -7.56 -4.07
C SER B 348 0.77 -7.08 -2.64
N TRP B 349 1.06 -5.79 -2.52
CA TRP B 349 1.33 -5.15 -1.24
C TRP B 349 0.07 -4.62 -0.57
N ASP B 350 -1.11 -4.84 -1.15
CA ASP B 350 -2.37 -4.58 -0.48
C ASP B 350 -2.96 -5.82 0.15
N SER B 351 -2.16 -6.90 0.23
CA SER B 351 -2.53 -8.13 0.95
C SER B 351 -3.65 -8.89 0.25
N PHE B 352 -3.64 -8.92 -1.08
CA PHE B 352 -4.62 -9.68 -1.84
C PHE B 352 -3.90 -10.54 -2.88
N LEU B 353 -4.42 -11.75 -3.09
CA LEU B 353 -3.98 -12.62 -4.17
C LEU B 353 -5.09 -12.72 -5.19
N LYS B 354 -4.75 -12.51 -6.46
CA LYS B 354 -5.73 -12.51 -7.53
C LYS B 354 -5.39 -13.59 -8.55
N ILE B 355 -6.38 -14.39 -8.92
CA ILE B 355 -6.25 -15.40 -9.96
C ILE B 355 -6.87 -14.84 -11.23
N TRP B 356 -6.12 -14.90 -12.32
CA TRP B 356 -6.57 -14.43 -13.63
C TRP B 356 -6.53 -15.58 -14.63
N ASN B 357 -7.46 -15.56 -15.57
CA ASN B 357 -7.52 -16.58 -16.60
C ASN B 357 -8.14 -16.01 -17.87
N ALA C 10 45.33 -12.93 -4.60
CA ALA C 10 44.46 -14.08 -4.42
C ALA C 10 43.15 -13.89 -5.19
N GLN C 11 42.59 -12.69 -5.11
CA GLN C 11 41.38 -12.38 -5.87
C GLN C 11 41.66 -12.26 -7.36
N ALA C 12 42.75 -11.60 -7.72
CA ALA C 12 43.08 -11.41 -9.13
C ALA C 12 43.37 -12.74 -9.82
N ARG C 13 44.08 -13.64 -9.13
CA ARG C 13 44.38 -14.94 -9.71
C ARG C 13 43.10 -15.74 -9.95
N LYS C 14 42.17 -15.71 -8.99
CA LYS C 14 40.90 -16.41 -9.17
C LYS C 14 40.10 -15.81 -10.32
N LEU C 15 40.09 -14.48 -10.43
CA LEU C 15 39.39 -13.83 -11.53
C LEU C 15 39.98 -14.22 -12.88
N VAL C 16 41.30 -14.24 -12.97
CA VAL C 16 41.96 -14.61 -14.23
C VAL C 16 41.66 -16.06 -14.57
N GLU C 17 41.71 -16.95 -13.58
CA GLU C 17 41.41 -18.36 -13.82
C GLU C 17 39.97 -18.54 -14.29
N GLN C 18 39.02 -17.83 -13.68
CA GLN C 18 37.63 -17.93 -14.09
C GLN C 18 37.45 -17.43 -15.52
N LEU C 19 38.09 -16.31 -15.86
CA LEU C 19 37.99 -15.76 -17.21
C LEU C 19 38.59 -16.72 -18.22
N LYS C 20 39.70 -17.37 -17.86
CA LYS C 20 40.30 -18.36 -18.75
C LYS C 20 39.37 -19.55 -18.95
N MET C 21 38.71 -19.99 -17.87
CA MET C 21 37.79 -21.11 -17.97
C MET C 21 36.59 -20.77 -18.85
N GLU C 22 36.08 -19.55 -18.75
CA GLU C 22 34.89 -19.15 -19.50
C GLU C 22 35.21 -18.75 -20.94
N ALA C 23 36.48 -18.67 -21.32
CA ALA C 23 36.83 -18.24 -22.66
C ALA C 23 36.74 -19.35 -23.69
N ASN C 24 36.48 -20.59 -23.28
CA ASN C 24 36.38 -21.74 -24.18
C ASN C 24 35.12 -22.52 -23.82
N ILE C 25 34.04 -22.30 -24.56
CA ILE C 25 32.79 -23.01 -24.30
C ILE C 25 32.21 -23.58 -25.59
N ASP C 26 32.81 -23.23 -26.72
CA ASP C 26 32.38 -23.70 -28.05
C ASP C 26 30.93 -23.28 -28.32
N ARG C 27 30.74 -21.96 -28.42
CA ARG C 27 29.43 -21.41 -28.71
C ARG C 27 29.07 -21.64 -30.18
N ILE C 28 27.80 -21.38 -30.51
CA ILE C 28 27.30 -21.53 -31.87
C ILE C 28 26.66 -20.23 -32.33
N LYS C 29 26.10 -20.23 -33.54
CA LYS C 29 25.48 -19.03 -34.10
C LYS C 29 24.17 -18.71 -33.38
N VAL C 30 23.71 -17.48 -33.58
CA VAL C 30 22.46 -17.02 -32.98
C VAL C 30 21.26 -17.31 -33.87
N SER C 31 21.44 -17.19 -35.19
CA SER C 31 20.36 -17.50 -36.11
C SER C 31 19.92 -18.95 -36.01
N LYS C 32 20.84 -19.86 -35.72
CA LYS C 32 20.50 -21.25 -35.49
C LYS C 32 19.89 -21.49 -34.13
N ALA C 33 20.22 -20.66 -33.13
CA ALA C 33 19.70 -20.80 -31.78
C ALA C 33 18.39 -20.04 -31.57
N ALA C 34 17.93 -19.30 -32.56
CA ALA C 34 16.63 -18.65 -32.51
C ALA C 34 15.53 -19.47 -33.18
N ALA C 35 15.86 -20.13 -34.29
CA ALA C 35 14.90 -21.01 -34.95
C ALA C 35 14.46 -22.15 -34.03
N ASP C 36 15.32 -22.61 -33.13
CA ASP C 36 14.92 -23.65 -32.19
C ASP C 36 13.78 -23.19 -31.30
N LEU C 37 13.91 -21.99 -30.72
CA LEU C 37 12.84 -21.48 -29.87
C LEU C 37 11.59 -21.16 -30.67
N MET C 38 11.76 -20.65 -31.90
CA MET C 38 10.60 -20.40 -32.75
C MET C 38 9.83 -21.67 -33.05
N ALA C 39 10.54 -22.74 -33.40
CA ALA C 39 9.89 -24.03 -33.67
C ALA C 39 9.28 -24.60 -32.41
N TYR C 40 9.93 -24.41 -31.26
CA TYR C 40 9.36 -24.87 -30.00
C TYR C 40 8.02 -24.19 -29.73
N CYS C 41 7.97 -22.87 -29.92
CA CYS C 41 6.72 -22.15 -29.70
C CYS C 41 5.66 -22.60 -30.70
N GLU C 42 6.03 -22.79 -31.95
CA GLU C 42 5.06 -23.19 -32.97
C GLU C 42 4.49 -24.58 -32.70
N ALA C 43 5.32 -25.51 -32.25
CA ALA C 43 4.85 -26.89 -32.10
C ALA C 43 3.93 -27.05 -30.88
N HIS C 44 4.10 -26.22 -29.85
CA HIS C 44 3.33 -26.33 -28.62
C HIS C 44 2.25 -25.26 -28.51
N ALA C 45 2.01 -24.49 -29.58
CA ALA C 45 1.04 -23.41 -29.53
C ALA C 45 -0.40 -23.88 -29.60
N LYS C 46 -0.63 -25.17 -29.92
CA LYS C 46 -1.99 -25.69 -30.00
C LYS C 46 -2.53 -26.15 -28.65
N GLU C 47 -1.70 -26.20 -27.61
CA GLU C 47 -2.11 -26.69 -26.30
C GLU C 47 -1.82 -25.68 -25.20
N ASP C 48 -1.68 -24.40 -25.53
CA ASP C 48 -1.47 -23.37 -24.53
C ASP C 48 -2.80 -22.68 -24.25
N PRO C 49 -3.41 -22.88 -23.08
CA PRO C 49 -4.73 -22.28 -22.82
C PRO C 49 -4.73 -20.76 -22.83
N LEU C 50 -3.63 -20.12 -22.45
CA LEU C 50 -3.60 -18.66 -22.40
C LEU C 50 -3.49 -18.05 -23.79
N LEU C 51 -3.14 -18.83 -24.81
CA LEU C 51 -3.16 -18.38 -26.20
C LEU C 51 -4.48 -18.71 -26.88
N THR C 52 -4.90 -19.98 -26.82
CA THR C 52 -6.18 -20.39 -27.36
C THR C 52 -7.16 -20.57 -26.19
N PRO C 53 -8.14 -19.68 -26.02
CA PRO C 53 -9.07 -19.83 -24.90
C PRO C 53 -9.84 -21.15 -24.92
N VAL C 54 -9.81 -21.87 -23.81
CA VAL C 54 -10.48 -23.15 -23.69
C VAL C 54 -12.00 -22.93 -23.62
N PRO C 55 -12.82 -23.91 -23.99
CA PRO C 55 -14.27 -23.75 -23.82
C PRO C 55 -14.62 -23.54 -22.35
N ALA C 56 -15.66 -22.73 -22.13
CA ALA C 56 -16.01 -22.32 -20.77
C ALA C 56 -16.42 -23.51 -19.92
N SER C 57 -17.05 -24.51 -20.53
CA SER C 57 -17.50 -25.68 -19.78
C SER C 57 -16.31 -26.45 -19.20
N GLU C 58 -15.24 -26.59 -19.98
CA GLU C 58 -14.08 -27.34 -19.54
C GLU C 58 -13.12 -26.52 -18.69
N ASN C 59 -13.39 -25.23 -18.50
CA ASN C 59 -12.50 -24.37 -17.73
C ASN C 59 -12.73 -24.57 -16.23
N PRO C 60 -11.71 -24.96 -15.47
CA PRO C 60 -11.89 -25.11 -14.01
C PRO C 60 -12.35 -23.84 -13.32
N PHE C 61 -11.87 -22.68 -13.77
CA PHE C 61 -12.19 -21.41 -13.13
C PHE C 61 -13.31 -20.70 -13.88
N VAL D 2 29.21 -1.81 -16.82
CA VAL D 2 29.47 -0.61 -16.03
C VAL D 2 30.96 -0.50 -15.75
N GLN D 3 31.63 0.46 -16.38
CA GLN D 3 33.06 0.71 -16.18
C GLN D 3 33.29 2.19 -15.96
N LEU D 4 34.10 2.52 -14.96
CA LEU D 4 34.40 3.90 -14.58
C LEU D 4 35.92 4.02 -14.44
N GLN D 5 36.54 4.83 -15.29
CA GLN D 5 37.99 5.00 -15.27
C GLN D 5 38.35 6.42 -14.87
N GLU D 6 39.21 6.54 -13.87
CA GLU D 6 39.61 7.82 -13.30
C GLU D 6 41.07 8.10 -13.65
N SER D 7 41.35 9.33 -14.05
CA SER D 7 42.69 9.74 -14.44
C SER D 7 42.98 11.13 -13.90
N GLY D 8 44.27 11.45 -13.83
CA GLY D 8 44.74 12.70 -13.27
C GLY D 8 45.39 12.49 -11.90
N GLY D 9 46.10 13.54 -11.47
CA GLY D 9 46.74 13.50 -10.17
C GLY D 9 48.08 12.80 -10.15
N GLN D 13 53.25 20.33 -3.75
CA GLN D 13 53.44 21.61 -3.06
C GLN D 13 52.10 22.19 -2.62
N PRO D 14 51.98 22.51 -1.33
CA PRO D 14 50.72 23.05 -0.82
C PRO D 14 50.35 24.36 -1.50
N GLY D 15 49.04 24.58 -1.65
CA GLY D 15 48.54 25.76 -2.32
C GLY D 15 48.46 25.67 -3.83
N GLY D 16 48.75 24.52 -4.41
CA GLY D 16 48.72 24.34 -5.85
C GLY D 16 47.33 24.05 -6.37
N SER D 17 47.30 23.56 -7.61
CA SER D 17 46.05 23.25 -8.29
C SER D 17 46.14 21.89 -8.96
N LEU D 18 45.00 21.22 -9.08
CA LEU D 18 44.98 19.92 -9.73
C LEU D 18 43.58 19.66 -10.29
N ARG D 19 43.52 18.71 -11.23
CA ARG D 19 42.28 18.35 -11.90
C ARG D 19 42.24 16.86 -12.15
N LEU D 20 41.11 16.24 -11.81
CA LEU D 20 40.86 14.83 -12.07
C LEU D 20 39.69 14.68 -13.02
N SER D 21 39.80 13.72 -13.94
CA SER D 21 38.74 13.41 -14.88
C SER D 21 38.32 11.96 -14.69
N CYS D 22 37.06 11.67 -15.04
CA CYS D 22 36.57 10.30 -14.99
C CYS D 22 35.64 10.05 -16.16
N ALA D 23 35.90 8.97 -16.89
CA ALA D 23 35.11 8.57 -18.04
C ALA D 23 34.32 7.30 -17.74
N ALA D 24 33.09 7.26 -18.23
CA ALA D 24 32.15 6.20 -17.90
C ALA D 24 31.70 5.51 -19.18
N SER D 25 31.54 4.19 -19.12
CA SER D 25 31.03 3.42 -20.24
C SER D 25 30.17 2.27 -19.73
N GLY D 26 29.22 1.85 -20.56
CA GLY D 26 28.37 0.73 -20.26
C GLY D 26 26.96 1.08 -19.81
N PHE D 27 26.68 2.36 -19.55
CA PHE D 27 25.37 2.77 -19.08
C PHE D 27 25.05 4.15 -19.63
N THR D 28 23.79 4.56 -19.48
CA THR D 28 23.34 5.88 -19.92
C THR D 28 23.77 6.91 -18.89
N PHE D 29 24.75 7.73 -19.26
CA PHE D 29 25.37 8.65 -18.30
C PHE D 29 24.42 9.76 -17.88
N SER D 30 23.47 10.13 -18.75
CA SER D 30 22.69 11.35 -18.52
C SER D 30 21.79 11.24 -17.31
N ASN D 31 21.18 10.08 -17.09
CA ASN D 31 20.13 9.94 -16.07
C ASN D 31 20.63 9.31 -14.78
N TYR D 32 21.87 9.60 -14.39
CA TYR D 32 22.42 9.12 -13.13
C TYR D 32 23.07 10.27 -12.37
N LYS D 33 22.95 10.20 -11.04
CA LYS D 33 23.56 11.17 -10.14
C LYS D 33 24.94 10.67 -9.76
N MET D 34 25.94 11.54 -9.86
CA MET D 34 27.33 11.12 -9.72
C MET D 34 27.98 11.85 -8.55
N ASN D 35 29.11 11.32 -8.07
CA ASN D 35 29.76 11.90 -6.91
C ASN D 35 31.21 11.46 -6.82
N TRP D 36 31.98 12.26 -6.09
CA TRP D 36 33.40 12.02 -5.82
C TRP D 36 33.57 11.69 -4.35
N VAL D 37 34.29 10.60 -4.07
CA VAL D 37 34.58 10.16 -2.70
C VAL D 37 36.09 9.96 -2.57
N ARG D 38 36.56 9.98 -1.33
CA ARG D 38 37.99 9.88 -1.04
C ARG D 38 38.24 8.89 0.07
N GLN D 39 39.41 8.26 0.04
CA GLN D 39 39.89 7.39 1.11
C GLN D 39 41.30 7.82 1.50
N ALA D 40 41.44 8.31 2.73
CA ALA D 40 42.68 8.75 3.32
C ALA D 40 43.41 7.58 3.99
N PRO D 41 44.75 7.61 4.02
CA PRO D 41 45.49 6.51 4.66
C PRO D 41 45.40 6.63 6.17
N GLY D 42 44.91 5.57 6.82
CA GLY D 42 44.66 5.56 8.23
C GLY D 42 43.21 5.76 8.62
N LYS D 43 42.35 6.08 7.66
CA LYS D 43 40.92 6.27 7.90
C LYS D 43 40.13 5.47 6.87
N GLY D 44 38.81 5.60 6.90
CA GLY D 44 37.93 4.92 5.99
C GLY D 44 37.50 5.80 4.82
N LEU D 45 36.57 5.26 4.04
CA LEU D 45 36.05 6.00 2.90
C LEU D 45 35.20 7.17 3.35
N GLU D 46 35.32 8.29 2.65
CA GLU D 46 34.61 9.51 2.99
C GLU D 46 33.97 10.11 1.74
N TRP D 47 32.87 10.83 1.94
CA TRP D 47 32.15 11.50 0.88
C TRP D 47 32.70 12.92 0.70
N VAL D 48 32.92 13.30 -0.56
CA VAL D 48 33.55 14.59 -0.84
C VAL D 48 32.57 15.52 -1.55
N SER D 49 32.06 15.12 -2.71
CA SER D 49 31.25 16.04 -3.50
C SER D 49 30.19 15.27 -4.28
N ASP D 50 29.14 16.00 -4.69
CA ASP D 50 28.00 15.43 -5.38
C ASP D 50 27.61 16.29 -6.58
N ILE D 51 26.93 15.67 -7.54
CA ILE D 51 26.42 16.36 -8.72
C ILE D 51 25.24 15.57 -9.28
N SER D 52 24.24 16.30 -9.77
CA SER D 52 22.96 15.74 -10.17
C SER D 52 22.97 15.35 -11.64
N GLN D 53 21.79 15.07 -12.20
CA GLN D 53 21.68 14.58 -13.56
C GLN D 53 22.04 15.66 -14.59
N SER D 54 21.72 16.91 -14.32
CA SER D 54 22.00 18.00 -15.24
C SER D 54 22.97 19.03 -14.68
N GLY D 55 23.47 18.83 -13.46
CA GLY D 55 24.38 19.78 -12.85
C GLY D 55 23.71 20.96 -12.19
N ALA D 56 22.40 20.91 -11.96
CA ALA D 56 21.71 22.04 -11.35
C ALA D 56 22.01 22.13 -9.85
N SER D 57 22.02 21.00 -9.15
CA SER D 57 22.22 20.97 -7.71
C SER D 57 23.59 20.39 -7.39
N ILE D 58 24.39 21.14 -6.63
CA ILE D 58 25.76 20.80 -6.31
C ILE D 58 25.94 20.83 -4.81
N SER D 59 26.63 19.82 -4.26
CA SER D 59 26.82 19.70 -2.83
C SER D 59 28.27 19.35 -2.51
N TYR D 60 28.81 20.03 -1.50
CA TYR D 60 30.17 19.83 -1.04
C TYR D 60 30.16 19.57 0.46
N THR D 61 31.17 18.83 0.92
CA THR D 61 31.39 18.73 2.35
C THR D 61 31.97 20.04 2.89
N GLY D 62 31.77 20.28 4.19
CA GLY D 62 32.16 21.55 4.76
C GLY D 62 33.66 21.76 4.79
N SER D 63 34.44 20.69 4.75
CA SER D 63 35.90 20.82 4.80
C SER D 63 36.44 21.50 3.55
N VAL D 64 35.87 21.20 2.39
CA VAL D 64 36.39 21.67 1.12
C VAL D 64 35.43 22.66 0.44
N LYS D 65 34.45 23.18 1.18
CA LYS D 65 33.50 24.11 0.59
C LYS D 65 34.21 25.38 0.14
N GLY D 66 34.07 25.70 -1.14
CA GLY D 66 34.68 26.89 -1.70
C GLY D 66 35.94 26.62 -2.49
N ARG D 67 36.79 25.70 -2.01
CA ARG D 67 38.06 25.45 -2.68
C ARG D 67 37.88 24.61 -3.95
N PHE D 68 37.05 23.58 -3.90
CA PHE D 68 36.94 22.62 -4.99
C PHE D 68 35.65 22.82 -5.76
N THR D 69 35.66 22.40 -7.03
CA THR D 69 34.52 22.52 -7.92
C THR D 69 34.35 21.22 -8.69
N ILE D 70 33.12 20.71 -8.73
CA ILE D 70 32.79 19.49 -9.44
C ILE D 70 31.90 19.84 -10.63
N SER D 71 32.18 19.22 -11.77
CA SER D 71 31.41 19.48 -12.98
C SER D 71 31.12 18.17 -13.70
N ARG D 72 30.31 18.25 -14.77
CA ARG D 72 29.91 17.07 -15.52
C ARG D 72 29.77 17.45 -16.98
N ASP D 73 30.05 16.49 -17.87
CA ASP D 73 29.87 16.67 -19.31
C ASP D 73 29.14 15.46 -19.85
N ASN D 74 27.88 15.65 -20.24
CA ASN D 74 27.06 14.57 -20.75
C ASN D 74 27.33 14.24 -22.22
N ALA D 75 27.80 15.20 -23.01
CA ALA D 75 28.11 14.92 -24.41
C ALA D 75 29.28 13.96 -24.54
N LYS D 76 30.27 14.03 -23.63
CA LYS D 76 31.39 13.12 -23.65
C LYS D 76 31.36 12.14 -22.49
N ASN D 77 30.22 12.01 -21.81
CA ASN D 77 30.02 11.18 -20.62
C ASN D 77 31.26 11.14 -19.73
N THR D 78 31.66 12.29 -19.21
CA THR D 78 32.80 12.37 -18.31
C THR D 78 32.55 13.47 -17.29
N LEU D 79 33.16 13.34 -16.12
CA LEU D 79 33.03 14.36 -15.09
C LEU D 79 34.39 14.73 -14.51
N TYR D 80 34.46 15.94 -13.95
CA TYR D 80 35.72 16.54 -13.52
C TYR D 80 35.63 17.06 -12.09
N LEU D 81 36.78 17.03 -11.41
CA LEU D 81 36.95 17.67 -10.12
C LEU D 81 38.18 18.57 -10.19
N GLN D 82 38.00 19.85 -9.89
CA GLN D 82 39.07 20.84 -9.88
C GLN D 82 39.32 21.30 -8.45
N MET D 83 40.55 21.15 -7.98
CA MET D 83 40.92 21.54 -6.63
C MET D 83 41.98 22.63 -6.67
N ASN D 84 41.76 23.69 -5.89
CA ASN D 84 42.66 24.83 -5.82
C ASN D 84 43.09 25.04 -4.38
N SER D 85 44.32 25.52 -4.20
CA SER D 85 44.89 25.77 -2.89
C SER D 85 44.84 24.51 -2.02
N LEU D 86 45.30 23.40 -2.58
CA LEU D 86 45.27 22.13 -1.88
C LEU D 86 46.22 22.15 -0.68
N LYS D 87 45.79 21.53 0.40
CA LYS D 87 46.52 21.43 1.64
C LYS D 87 47.10 20.02 1.81
N PRO D 88 48.15 19.87 2.62
CA PRO D 88 48.71 18.52 2.85
C PRO D 88 47.73 17.57 3.51
N GLU D 89 46.67 18.09 4.15
CA GLU D 89 45.64 17.26 4.75
C GLU D 89 44.64 16.73 3.75
N ASP D 90 44.96 16.76 2.45
CA ASP D 90 44.07 16.29 1.41
C ASP D 90 44.67 15.14 0.60
N THR D 91 45.74 14.52 1.09
CA THR D 91 46.37 13.41 0.38
C THR D 91 45.56 12.13 0.62
N ALA D 92 45.08 11.53 -0.47
CA ALA D 92 44.18 10.38 -0.38
C ALA D 92 44.02 9.79 -1.78
N VAL D 93 43.27 8.69 -1.85
CA VAL D 93 42.90 8.07 -3.11
C VAL D 93 41.48 8.47 -3.45
N TYR D 94 41.27 9.01 -4.65
CA TYR D 94 39.99 9.53 -5.07
C TYR D 94 39.29 8.53 -5.97
N TYR D 95 38.03 8.24 -5.66
CA TYR D 95 37.15 7.37 -6.43
C TYR D 95 35.95 8.16 -6.93
N CYS D 96 35.41 7.69 -8.05
CA CYS D 96 34.20 8.25 -8.64
C CYS D 96 33.09 7.22 -8.51
N ALA D 97 32.05 7.55 -7.76
CA ALA D 97 30.97 6.62 -7.53
C ALA D 97 29.73 7.01 -8.33
N ARG D 98 28.84 6.04 -8.53
CA ARG D 98 27.63 6.25 -9.30
C ARG D 98 26.45 5.71 -8.49
N CYS D 99 25.35 6.44 -8.51
CA CYS D 99 24.19 6.04 -7.73
C CYS D 99 23.55 4.78 -8.34
N PRO D 100 23.05 3.86 -7.52
CA PRO D 100 22.66 2.55 -8.05
C PRO D 100 21.45 2.57 -8.98
N ALA D 101 20.46 3.41 -8.73
CA ALA D 101 19.21 3.35 -9.47
C ALA D 101 18.95 4.66 -10.20
N PRO D 102 18.43 4.62 -11.42
CA PRO D 102 18.16 5.86 -12.15
C PRO D 102 16.86 6.51 -11.69
N PHE D 103 16.73 7.79 -12.00
CA PHE D 103 15.54 8.58 -11.70
C PHE D 103 15.20 8.55 -10.21
N THR D 104 16.21 8.72 -9.38
CA THR D 104 16.02 8.68 -7.94
C THR D 104 16.80 9.81 -7.28
N ARG D 105 16.32 10.24 -6.11
CA ARG D 105 16.98 11.28 -5.33
C ARG D 105 17.78 10.72 -4.16
N ASP D 106 17.81 9.39 -4.01
CA ASP D 106 18.51 8.74 -2.92
C ASP D 106 19.69 7.95 -3.46
N CYS D 107 20.80 7.97 -2.70
CA CYS D 107 22.01 7.25 -3.08
C CYS D 107 22.58 6.62 -1.81
N PHE D 108 22.31 5.33 -1.62
CA PHE D 108 22.60 4.70 -0.33
C PHE D 108 24.07 4.35 -0.19
N ASP D 109 24.55 3.39 -0.98
CA ASP D 109 25.75 2.64 -0.62
C ASP D 109 26.99 3.07 -1.40
N VAL D 110 27.17 4.38 -1.66
CA VAL D 110 28.33 4.82 -2.41
C VAL D 110 29.60 4.75 -1.57
N THR D 111 29.49 4.95 -0.26
CA THR D 111 30.65 4.89 0.62
C THR D 111 30.88 3.51 1.23
N SER D 112 30.05 2.52 0.89
CA SER D 112 30.24 1.18 1.43
C SER D 112 31.44 0.51 0.77
N THR D 113 32.11 -0.34 1.53
CA THR D 113 33.12 -1.21 0.95
C THR D 113 32.46 -2.28 0.09
N THR D 114 33.22 -2.76 -0.89
CA THR D 114 32.74 -3.76 -1.86
C THR D 114 31.50 -3.26 -2.61
N TYR D 115 31.51 -1.97 -2.92
CA TYR D 115 30.55 -1.38 -3.84
C TYR D 115 30.90 -1.76 -5.27
N ALA D 116 29.86 -1.97 -6.08
CA ALA D 116 30.03 -2.49 -7.42
C ALA D 116 30.10 -1.44 -8.52
N TYR D 117 29.62 -0.22 -8.26
CA TYR D 117 29.53 0.82 -9.28
C TYR D 117 30.56 1.92 -9.08
N ARG D 118 31.78 1.56 -8.68
CA ARG D 118 32.83 2.51 -8.34
C ARG D 118 34.12 2.13 -9.05
N GLY D 119 34.95 3.13 -9.34
CA GLY D 119 36.15 2.95 -10.11
C GLY D 119 37.31 2.42 -9.30
N GLN D 120 38.52 2.58 -9.86
CA GLN D 120 39.73 2.06 -9.23
C GLN D 120 40.44 3.09 -8.36
N GLY D 121 40.32 4.37 -8.70
CA GLY D 121 40.85 5.44 -7.87
C GLY D 121 42.22 5.92 -8.34
N THR D 122 42.50 7.18 -8.04
CA THR D 122 43.81 7.78 -8.32
C THR D 122 44.35 8.46 -7.07
N GLN D 123 45.65 8.33 -6.85
CA GLN D 123 46.30 8.78 -5.62
C GLN D 123 46.77 10.23 -5.79
N VAL D 124 46.50 11.06 -4.78
CA VAL D 124 46.93 12.45 -4.75
C VAL D 124 47.66 12.69 -3.44
N THR D 125 48.91 13.15 -3.52
CA THR D 125 49.72 13.48 -2.36
C THR D 125 50.12 14.95 -2.42
N VAL D 126 49.84 15.69 -1.35
CA VAL D 126 50.15 17.11 -1.30
C VAL D 126 51.07 17.42 -0.13
N SER E 18 -64.88 8.67 22.29
CA SER E 18 -63.86 8.28 21.34
C SER E 18 -64.47 7.98 19.96
N PHE E 19 -64.44 8.97 19.09
CA PHE E 19 -64.99 8.83 17.74
C PHE E 19 -63.99 9.30 16.69
N HIS E 20 -63.11 8.40 16.28
CA HIS E 20 -62.11 8.72 15.27
C HIS E 20 -62.71 8.74 13.87
N PRO E 21 -62.38 9.78 13.09
CA PRO E 21 -62.88 9.94 11.73
C PRO E 21 -62.19 8.97 10.75
N SER E 22 -62.79 8.79 9.58
CA SER E 22 -62.24 7.89 8.58
C SER E 22 -60.83 8.33 8.16
N SER E 23 -60.72 9.56 7.67
CA SER E 23 -59.44 10.10 7.24
C SER E 23 -59.35 11.60 7.51
N PHE E 24 -58.19 12.18 7.21
CA PHE E 24 -57.98 13.61 7.43
C PHE E 24 -57.63 14.32 6.12
N LEU E 25 -57.53 15.64 6.18
CA LEU E 25 -57.20 16.43 5.00
C LEU E 25 -56.02 17.34 5.33
N LEU E 26 -54.96 17.25 4.53
CA LEU E 26 -53.82 18.15 4.66
C LEU E 26 -53.93 19.28 3.65
N VAL E 27 -53.84 20.52 4.13
CA VAL E 27 -54.01 21.67 3.27
C VAL E 27 -52.69 22.23 2.73
N GLY E 28 -51.56 21.90 3.36
CA GLY E 28 -50.28 22.41 2.91
C GLY E 28 -49.92 23.71 3.59
N ILE E 29 -49.51 24.71 2.81
CA ILE E 29 -49.15 26.01 3.35
C ILE E 29 -50.43 26.83 3.52
N PRO E 30 -50.81 27.18 4.75
CA PRO E 30 -52.05 27.94 4.95
C PRO E 30 -51.88 29.39 4.54
N GLY E 31 -52.79 29.88 3.70
CA GLY E 31 -52.76 31.24 3.23
C GLY E 31 -51.94 31.48 1.98
N LEU E 32 -51.27 30.45 1.46
CA LEU E 32 -50.46 30.56 0.25
C LEU E 32 -50.90 29.54 -0.79
N GLU E 33 -52.21 29.26 -0.83
CA GLU E 33 -52.71 28.22 -1.72
C GLU E 33 -52.69 28.63 -3.18
N SER E 34 -52.56 29.92 -3.49
CA SER E 34 -52.52 30.37 -4.87
C SER E 34 -51.14 30.25 -5.49
N VAL E 35 -50.10 30.02 -4.69
CA VAL E 35 -48.74 29.88 -5.22
C VAL E 35 -48.14 28.55 -4.78
N HIS E 36 -48.98 27.53 -4.66
CA HIS E 36 -48.49 26.21 -4.27
C HIS E 36 -47.53 25.61 -5.29
N ILE E 37 -47.54 26.06 -6.54
CA ILE E 37 -46.68 25.46 -7.55
C ILE E 37 -45.37 26.23 -7.64
N TRP E 38 -45.41 27.53 -7.38
CA TRP E 38 -44.18 28.31 -7.42
C TRP E 38 -43.26 27.95 -6.25
N ILE E 39 -43.85 27.66 -5.09
CA ILE E 39 -43.05 27.26 -3.93
C ILE E 39 -42.39 25.91 -4.16
N SER E 40 -43.01 25.05 -4.98
CA SER E 40 -42.53 23.68 -5.13
C SER E 40 -41.33 23.57 -6.07
N ILE E 41 -40.95 24.65 -6.76
CA ILE E 41 -39.83 24.57 -7.69
C ILE E 41 -38.51 24.24 -7.00
N PRO E 42 -38.11 24.90 -5.91
CA PRO E 42 -36.84 24.51 -5.26
C PRO E 42 -36.92 23.19 -4.52
N PHE E 43 -38.09 22.82 -4.00
CA PHE E 43 -38.21 21.61 -3.20
C PHE E 43 -37.85 20.38 -4.01
N CYS E 44 -38.31 20.31 -5.26
CA CYS E 44 -38.00 19.17 -6.12
C CYS E 44 -36.50 19.05 -6.33
N ALA E 45 -35.83 20.17 -6.61
CA ALA E 45 -34.39 20.14 -6.87
C ALA E 45 -33.61 19.69 -5.64
N MET E 46 -33.93 20.25 -4.47
CA MET E 46 -33.18 19.85 -3.27
C MET E 46 -33.46 18.40 -2.89
N TYR E 47 -34.70 17.93 -3.01
CA TYR E 47 -34.96 16.51 -2.77
C TYR E 47 -34.24 15.63 -3.77
N LEU E 48 -34.16 16.04 -5.04
CA LEU E 48 -33.43 15.28 -6.03
C LEU E 48 -31.95 15.19 -5.70
N ILE E 49 -31.34 16.28 -5.26
CA ILE E 49 -29.94 16.26 -4.88
C ILE E 49 -29.71 15.36 -3.67
N ALA E 50 -30.61 15.43 -2.67
CA ALA E 50 -30.49 14.57 -1.50
C ALA E 50 -30.69 13.10 -1.85
N LEU E 51 -31.52 12.80 -2.84
CA LEU E 51 -31.78 11.44 -3.25
C LEU E 51 -30.61 10.81 -4.00
N LEU E 52 -29.66 11.61 -4.46
CA LEU E 52 -28.50 11.14 -5.20
C LEU E 52 -27.22 11.12 -4.38
N GLY E 53 -26.97 12.17 -3.60
CA GLY E 53 -25.74 12.23 -2.84
C GLY E 53 -25.58 11.10 -1.85
N ASN E 54 -26.64 10.81 -1.08
CA ASN E 54 -26.56 9.77 -0.06
C ASN E 54 -26.39 8.40 -0.67
N SER E 55 -27.10 8.12 -1.76
CA SER E 55 -26.94 6.82 -2.43
C SER E 55 -25.53 6.64 -2.97
N THR E 56 -24.97 7.70 -3.58
CA THR E 56 -23.60 7.61 -4.06
C THR E 56 -22.62 7.38 -2.92
N LEU E 57 -22.81 8.10 -1.80
CA LEU E 57 -21.90 7.93 -0.67
C LEU E 57 -21.97 6.52 -0.10
N LEU E 58 -23.18 5.97 0.05
CA LEU E 58 -23.32 4.61 0.57
C LEU E 58 -22.67 3.59 -0.38
N PHE E 59 -22.88 3.75 -1.69
CA PHE E 59 -22.26 2.84 -2.64
C PHE E 59 -20.74 2.89 -2.55
N VAL E 60 -20.16 4.09 -2.50
CA VAL E 60 -18.71 4.22 -2.44
C VAL E 60 -18.17 3.61 -1.16
N ILE E 61 -18.84 3.86 -0.03
CA ILE E 61 -18.37 3.32 1.24
C ILE E 61 -18.39 1.80 1.22
N LYS E 62 -19.47 1.21 0.70
CA LYS E 62 -19.57 -0.25 0.69
C LYS E 62 -18.56 -0.88 -0.26
N THR E 63 -18.48 -0.38 -1.49
CA THR E 63 -17.73 -1.10 -2.53
C THR E 63 -16.23 -1.08 -2.25
N GLU E 64 -15.71 0.01 -1.68
CA GLU E 64 -14.29 0.09 -1.39
C GLU E 64 -13.96 -0.72 -0.14
N ARG E 65 -12.70 -1.14 -0.06
CA ARG E 65 -12.20 -1.84 1.11
C ARG E 65 -11.18 -1.03 1.89
N SER E 66 -10.79 0.14 1.40
CA SER E 66 -9.96 1.07 2.15
C SER E 66 -10.77 2.09 2.93
N LEU E 67 -12.11 2.04 2.83
CA LEU E 67 -12.99 2.95 3.54
C LEU E 67 -13.73 2.25 4.68
N HIS E 68 -13.16 1.16 5.19
CA HIS E 68 -13.81 0.39 6.26
C HIS E 68 -13.16 0.77 7.59
N GLU E 69 -13.59 1.89 8.15
CA GLU E 69 -13.18 2.39 9.44
C GLU E 69 -14.41 2.84 10.20
N PRO E 70 -14.33 2.95 11.53
CA PRO E 70 -15.51 3.37 12.30
C PRO E 70 -16.11 4.70 11.86
N MET E 71 -15.27 5.66 11.47
CA MET E 71 -15.80 6.95 11.02
C MET E 71 -16.72 6.78 9.82
N TYR E 72 -16.32 5.94 8.87
CA TYR E 72 -17.13 5.71 7.69
C TYR E 72 -18.37 4.89 8.01
N TYR E 73 -18.29 3.99 8.99
CA TYR E 73 -19.49 3.28 9.42
C TYR E 73 -20.52 4.23 10.00
N PHE E 74 -20.08 5.18 10.84
CA PHE E 74 -20.99 6.17 11.38
C PHE E 74 -21.55 7.06 10.28
N LEU E 75 -20.71 7.42 9.31
CA LEU E 75 -21.19 8.22 8.18
C LEU E 75 -22.24 7.45 7.38
N ALA E 76 -22.06 6.14 7.22
CA ALA E 76 -23.04 5.33 6.51
C ALA E 76 -24.37 5.28 7.24
N MET E 77 -24.32 5.12 8.57
CA MET E 77 -25.56 5.14 9.35
C MET E 77 -26.26 6.49 9.23
N LEU E 78 -25.49 7.58 9.26
CA LEU E 78 -26.07 8.91 9.09
C LEU E 78 -26.72 9.07 7.72
N ALA E 79 -26.06 8.57 6.66
CA ALA E 79 -26.63 8.67 5.32
C ALA E 79 -27.92 7.88 5.21
N ALA E 80 -27.97 6.67 5.76
CA ALA E 80 -29.19 5.89 5.73
C ALA E 80 -30.31 6.59 6.50
N THR E 81 -29.99 7.17 7.66
CA THR E 81 -31.00 7.88 8.43
C THR E 81 -31.55 9.07 7.65
N ASP E 82 -30.68 9.84 6.99
CA ASP E 82 -31.14 10.98 6.20
C ASP E 82 -32.01 10.53 5.04
N LEU E 83 -31.62 9.44 4.38
CA LEU E 83 -32.39 8.94 3.25
C LEU E 83 -33.79 8.50 3.69
N VAL E 84 -33.90 7.87 4.86
CA VAL E 84 -35.23 7.47 5.35
C VAL E 84 -36.03 8.69 5.78
N LEU E 85 -35.39 9.66 6.45
CA LEU E 85 -36.11 10.84 6.92
C LEU E 85 -36.69 11.64 5.77
N SER E 86 -35.93 11.84 4.70
CA SER E 86 -36.40 12.69 3.62
C SER E 86 -37.51 12.06 2.79
N THR E 87 -37.67 10.74 2.85
CA THR E 87 -38.55 10.03 1.93
C THR E 87 -39.96 9.84 2.47
N SER E 88 -40.21 10.18 3.73
CA SER E 88 -41.52 10.02 4.32
C SER E 88 -42.35 11.28 4.31
N THR E 89 -41.80 12.41 3.88
CA THR E 89 -42.50 13.68 3.91
C THR E 89 -42.64 14.33 2.53
N ILE E 90 -41.55 14.39 1.76
CA ILE E 90 -41.58 15.18 0.53
C ILE E 90 -42.54 14.64 -0.52
N PRO E 91 -42.61 13.33 -0.80
CA PRO E 91 -43.56 12.88 -1.83
C PRO E 91 -45.01 13.28 -1.58
N LYS E 92 -45.48 13.22 -0.33
CA LYS E 92 -46.85 13.62 -0.05
C LYS E 92 -47.05 15.12 -0.22
N MET E 93 -46.05 15.91 0.19
CA MET E 93 -46.11 17.36 -0.04
C MET E 93 -46.17 17.67 -1.53
N LEU E 94 -45.37 16.97 -2.32
CA LEU E 94 -45.38 17.17 -3.76
C LEU E 94 -46.73 16.78 -4.35
N ALA E 95 -47.33 15.68 -3.85
CA ALA E 95 -48.65 15.30 -4.32
C ALA E 95 -49.69 16.38 -4.00
N ILE E 96 -49.64 16.94 -2.79
CA ILE E 96 -50.54 18.02 -2.43
C ILE E 96 -50.37 19.21 -3.37
N PHE E 97 -49.11 19.60 -3.59
CA PHE E 97 -48.85 20.80 -4.38
C PHE E 97 -49.20 20.59 -5.85
N TRP E 98 -49.04 19.38 -6.37
CA TRP E 98 -49.21 19.14 -7.79
C TRP E 98 -50.64 18.76 -8.13
N PHE E 99 -51.15 17.65 -7.57
CA PHE E 99 -52.42 17.08 -7.98
C PHE E 99 -53.54 17.31 -6.97
N ASN E 100 -53.28 18.09 -5.91
CA ASN E 100 -54.27 18.36 -4.87
C ASN E 100 -54.80 17.07 -4.26
N LEU E 101 -53.89 16.16 -3.93
CA LEU E 101 -54.20 14.91 -3.24
C LEU E 101 -53.98 15.14 -1.75
N LYS E 102 -55.06 15.44 -1.03
CA LYS E 102 -54.99 15.84 0.37
C LYS E 102 -55.50 14.77 1.32
N GLU E 103 -56.26 13.80 0.83
CA GLU E 103 -56.91 12.81 1.69
C GLU E 103 -55.87 11.86 2.27
N ILE E 104 -55.99 11.57 3.56
CA ILE E 104 -55.08 10.63 4.22
C ILE E 104 -55.88 9.81 5.23
N SER E 105 -55.57 8.52 5.34
CA SER E 105 -56.27 7.68 6.28
C SER E 105 -55.82 7.95 7.71
N PHE E 106 -56.59 7.42 8.66
CA PHE E 106 -56.29 7.64 10.08
C PHE E 106 -54.99 6.96 10.50
N ASP E 107 -54.77 5.71 10.07
CA ASP E 107 -53.59 4.96 10.47
C ASP E 107 -52.32 5.39 9.73
N ALA E 108 -52.44 5.81 8.47
CA ALA E 108 -51.29 6.38 7.77
C ALA E 108 -50.76 7.63 8.44
N CYS E 109 -51.63 8.38 9.12
CA CYS E 109 -51.19 9.53 9.91
C CYS E 109 -50.34 9.08 11.09
N LEU E 110 -50.81 8.07 11.83
CA LEU E 110 -50.09 7.60 13.01
C LEU E 110 -48.75 6.99 12.63
N THR E 111 -48.72 6.16 11.58
CA THR E 111 -47.46 5.55 11.17
C THR E 111 -46.46 6.58 10.68
N GLN E 112 -46.92 7.56 9.90
CA GLN E 112 -46.05 8.62 9.41
C GLN E 112 -45.46 9.42 10.57
N MET E 113 -46.29 9.82 11.53
CA MET E 113 -45.79 10.56 12.68
C MET E 113 -44.78 9.74 13.47
N PHE E 114 -45.09 8.46 13.71
CA PHE E 114 -44.20 7.60 14.48
C PHE E 114 -42.84 7.48 13.80
N PHE E 115 -42.83 7.23 12.50
CA PHE E 115 -41.56 7.09 11.79
C PHE E 115 -40.76 8.38 11.82
N ILE E 116 -41.42 9.52 11.59
CA ILE E 116 -40.72 10.80 11.57
C ILE E 116 -40.03 11.05 12.92
N HIS E 117 -40.77 10.88 14.02
CA HIS E 117 -40.18 11.15 15.32
C HIS E 117 -39.07 10.16 15.66
N SER E 118 -39.30 8.87 15.40
CA SER E 118 -38.30 7.86 15.73
C SER E 118 -36.99 8.11 14.98
N PHE E 119 -37.08 8.45 13.70
CA PHE E 119 -35.85 8.62 12.95
C PHE E 119 -35.20 9.98 13.20
N THR E 120 -35.96 10.99 13.65
CA THR E 120 -35.31 12.19 14.19
C THR E 120 -34.45 11.84 15.40
N GLY E 121 -35.00 11.04 16.32
CA GLY E 121 -34.22 10.61 17.46
C GLY E 121 -33.00 9.79 17.06
N MET E 122 -33.16 8.93 16.06
CA MET E 122 -32.04 8.12 15.59
C MET E 122 -30.94 8.97 14.98
N GLU E 123 -31.31 10.00 14.22
CA GLU E 123 -30.31 10.91 13.66
C GLU E 123 -29.54 11.63 14.77
N SER E 124 -30.26 12.09 15.80
CA SER E 124 -29.58 12.72 16.92
C SER E 124 -28.59 11.77 17.59
N GLY E 125 -29.01 10.52 17.80
CA GLY E 125 -28.09 9.55 18.39
C GLY E 125 -26.87 9.27 17.54
N VAL E 126 -27.07 9.21 16.21
CA VAL E 126 -25.94 8.99 15.31
C VAL E 126 -24.95 10.14 15.41
N LEU E 127 -25.45 11.38 15.44
CA LEU E 127 -24.56 12.53 15.58
C LEU E 127 -23.78 12.47 16.88
N LEU E 128 -24.45 12.08 17.96
CA LEU E 128 -23.77 11.96 19.26
C LEU E 128 -22.65 10.93 19.18
N ALA E 129 -22.90 9.79 18.53
CA ALA E 129 -21.88 8.75 18.39
C ALA E 129 -20.69 9.24 17.58
N MET E 130 -20.95 9.97 16.49
CA MET E 130 -19.85 10.53 15.70
C MET E 130 -19.00 11.49 16.53
N ALA E 131 -19.66 12.34 17.33
CA ALA E 131 -18.91 13.26 18.19
C ALA E 131 -18.04 12.50 19.20
N PHE E 132 -18.59 11.44 19.79
CA PHE E 132 -17.81 10.64 20.74
C PHE E 132 -16.61 9.99 20.06
N ASP E 133 -16.80 9.46 18.85
CA ASP E 133 -15.70 8.85 18.11
C ASP E 133 -14.60 9.87 17.84
N ARG E 134 -14.98 11.06 17.37
CA ARG E 134 -13.99 12.09 17.09
C ARG E 134 -13.23 12.50 18.35
N TYR E 135 -13.95 12.65 19.47
CA TYR E 135 -13.30 13.04 20.71
C TYR E 135 -12.28 11.99 21.14
N VAL E 136 -12.66 10.72 21.12
CA VAL E 136 -11.73 9.67 21.56
C VAL E 136 -10.55 9.57 20.61
N ALA E 137 -10.78 9.75 19.30
CA ALA E 137 -9.69 9.68 18.33
C ALA E 137 -8.65 10.77 18.58
N ILE E 138 -9.11 12.01 18.81
CA ILE E 138 -8.17 13.11 18.90
C ILE E 138 -7.52 13.18 20.27
N CYS E 139 -8.29 12.97 21.33
CA CYS E 139 -7.78 13.17 22.69
C CYS E 139 -7.13 11.93 23.29
N TYR E 140 -7.34 10.74 22.70
CA TYR E 140 -6.73 9.50 23.18
C TYR E 140 -6.17 8.72 21.99
N PRO E 141 -5.08 9.19 21.39
CA PRO E 141 -4.62 8.55 20.15
C PRO E 141 -4.10 7.15 20.34
N LEU E 142 -3.29 6.89 21.37
CA LEU E 142 -2.67 5.59 21.54
C LEU E 142 -3.64 4.52 22.04
N ARG E 143 -4.84 4.90 22.47
CA ARG E 143 -5.84 3.96 22.95
C ARG E 143 -7.04 3.87 22.02
N TYR E 144 -6.99 4.49 20.84
CA TYR E 144 -8.16 4.57 19.98
C TYR E 144 -8.55 3.20 19.45
N THR E 145 -7.57 2.37 19.10
CA THR E 145 -7.87 1.08 18.47
C THR E 145 -8.38 0.05 19.48
N THR E 146 -8.02 0.17 20.74
CA THR E 146 -8.46 -0.77 21.76
C THR E 146 -9.74 -0.34 22.47
N ILE E 147 -10.23 0.86 22.21
CA ILE E 147 -11.47 1.35 22.81
C ILE E 147 -12.65 1.11 21.88
N LEU E 148 -12.52 1.50 20.62
CA LEU E 148 -13.58 1.38 19.63
C LEU E 148 -13.31 0.17 18.76
N THR E 149 -14.00 -0.93 19.06
CA THR E 149 -13.95 -2.14 18.27
C THR E 149 -15.33 -2.44 17.69
N ASN E 150 -15.46 -3.58 17.01
CA ASN E 150 -16.71 -3.91 16.33
C ASN E 150 -17.85 -4.14 17.30
N LYS E 151 -17.57 -4.80 18.43
CA LYS E 151 -18.61 -5.04 19.42
C LYS E 151 -19.15 -3.72 19.97
N VAL E 152 -18.27 -2.76 20.23
CA VAL E 152 -18.70 -1.47 20.75
C VAL E 152 -19.57 -0.74 19.74
N ILE E 153 -19.20 -0.79 18.46
CA ILE E 153 -19.99 -0.13 17.42
C ILE E 153 -21.37 -0.77 17.32
N GLY E 154 -21.43 -2.10 17.35
CA GLY E 154 -22.73 -2.77 17.31
C GLY E 154 -23.59 -2.41 18.50
N LYS E 155 -22.99 -2.37 19.69
CA LYS E 155 -23.74 -1.99 20.89
C LYS E 155 -24.24 -0.56 20.81
N ILE E 156 -23.43 0.35 20.27
CA ILE E 156 -23.83 1.75 20.15
C ILE E 156 -25.01 1.88 19.21
N GLY E 157 -24.95 1.23 18.05
CA GLY E 157 -26.06 1.28 17.12
C GLY E 157 -27.34 0.70 17.72
N MET E 158 -27.21 -0.44 18.40
CA MET E 158 -28.37 -1.05 19.05
C MET E 158 -28.97 -0.13 20.09
N ALA E 159 -28.11 0.52 20.90
CA ALA E 159 -28.61 1.43 21.92
C ALA E 159 -29.35 2.60 21.29
N VAL E 160 -28.82 3.17 20.21
CA VAL E 160 -29.48 4.30 19.56
C VAL E 160 -30.88 3.90 19.10
N VAL E 161 -30.96 2.78 18.36
CA VAL E 161 -32.25 2.37 17.79
C VAL E 161 -33.24 2.04 18.92
N LEU E 162 -32.77 1.29 19.93
CA LEU E 162 -33.67 0.89 21.00
C LEU E 162 -34.19 2.09 21.78
N ARG E 163 -33.30 3.05 22.08
CA ARG E 163 -33.74 4.23 22.82
C ARG E 163 -34.79 5.01 22.05
N ALA E 164 -34.54 5.26 20.75
CA ALA E 164 -35.52 6.00 19.97
C ALA E 164 -36.87 5.29 19.93
N VAL E 165 -36.84 3.99 19.61
CA VAL E 165 -38.09 3.25 19.45
C VAL E 165 -38.86 3.19 20.77
N LEU E 166 -38.16 2.91 21.87
CA LEU E 166 -38.84 2.78 23.15
C LEU E 166 -39.40 4.11 23.64
N LEU E 167 -38.72 5.22 23.35
CA LEU E 167 -39.23 6.51 23.82
C LEU E 167 -40.41 7.01 22.99
N VAL E 168 -40.41 6.77 21.68
CA VAL E 168 -41.46 7.35 20.85
C VAL E 168 -42.75 6.52 20.78
N ILE E 169 -42.70 5.24 21.17
CA ILE E 169 -43.80 4.32 20.88
C ILE E 169 -45.11 4.63 21.62
N PRO E 170 -45.14 5.24 22.82
CA PRO E 170 -46.44 5.54 23.45
C PRO E 170 -47.32 6.50 22.67
N PHE E 171 -46.78 7.28 21.73
CA PHE E 171 -47.55 8.35 21.11
C PHE E 171 -48.82 7.84 20.41
N PRO E 172 -48.77 6.80 19.57
CA PRO E 172 -50.03 6.33 18.95
C PRO E 172 -51.07 5.86 19.95
N PHE E 173 -50.65 5.26 21.07
CA PHE E 173 -51.60 4.88 22.10
C PHE E 173 -52.21 6.11 22.78
N LEU E 174 -51.39 7.15 22.97
CA LEU E 174 -51.91 8.38 23.57
C LEU E 174 -52.90 9.07 22.64
N LEU E 175 -52.65 9.03 21.33
CA LEU E 175 -53.53 9.69 20.36
C LEU E 175 -54.76 8.86 20.01
N LYS E 176 -54.81 7.58 20.39
CA LYS E 176 -55.93 6.74 20.02
C LYS E 176 -57.06 6.76 21.04
N ARG E 177 -56.86 7.41 22.19
CA ARG E 177 -57.87 7.44 23.22
C ARG E 177 -58.62 8.78 23.29
N LEU E 178 -58.17 9.79 22.58
CA LEU E 178 -58.85 11.08 22.57
C LEU E 178 -60.06 11.02 21.65
N PRO E 179 -61.21 11.51 22.11
CA PRO E 179 -62.39 11.56 21.23
C PRO E 179 -62.26 12.68 20.22
N PHE E 180 -62.56 12.38 18.97
CA PHE E 180 -62.50 13.34 17.87
C PHE E 180 -63.92 13.65 17.42
N CYS E 181 -64.45 14.79 17.85
CA CYS E 181 -65.79 15.21 17.47
C CYS E 181 -65.68 16.49 16.66
N GLY E 182 -66.18 16.47 15.43
CA GLY E 182 -66.14 17.64 14.59
C GLY E 182 -65.29 17.50 13.35
N THR E 183 -64.45 18.50 13.08
CA THR E 183 -63.72 18.59 11.84
C THR E 183 -62.52 17.64 11.84
N ASN E 184 -61.92 17.51 10.65
CA ASN E 184 -60.74 16.68 10.46
C ASN E 184 -59.61 17.38 9.73
N ILE E 185 -59.80 18.62 9.28
CA ILE E 185 -58.75 19.35 8.59
C ILE E 185 -57.63 19.70 9.55
N ILE E 186 -56.39 19.37 9.17
CA ILE E 186 -55.21 19.73 9.94
C ILE E 186 -54.31 20.64 9.11
N PRO E 187 -54.12 21.90 9.52
CA PRO E 187 -53.37 22.84 8.69
C PRO E 187 -51.87 22.61 8.74
N HIS E 188 -51.39 21.69 7.92
CA HIS E 188 -49.97 21.37 7.84
C HIS E 188 -49.69 20.76 6.48
N THR E 189 -48.48 20.24 6.33
CA THR E 189 -48.11 19.48 5.15
C THR E 189 -48.00 17.98 5.46
N TYR E 190 -47.59 17.65 6.68
CA TYR E 190 -47.50 16.27 7.12
C TYR E 190 -48.14 16.12 8.50
N CYS E 191 -48.33 14.87 8.90
CA CYS E 191 -48.94 14.55 10.19
C CYS E 191 -47.92 14.70 11.30
N GLU E 192 -48.23 15.54 12.28
CA GLU E 192 -47.42 15.66 13.48
C GLU E 192 -48.18 15.11 14.67
N HIS E 193 -47.56 15.19 15.86
CA HIS E 193 -48.19 14.69 17.10
C HIS E 193 -49.15 15.75 17.65
N MET E 194 -48.70 17.00 17.79
CA MET E 194 -49.54 18.03 18.38
C MET E 194 -50.50 18.63 17.36
N GLY E 195 -50.11 18.68 16.09
CA GLY E 195 -51.03 19.15 15.07
C GLY E 195 -52.29 18.31 14.96
N VAL E 196 -52.17 17.00 15.14
CA VAL E 196 -53.32 16.12 15.20
C VAL E 196 -54.01 16.21 16.55
N ALA E 197 -53.23 16.28 17.63
CA ALA E 197 -53.79 16.27 18.98
C ALA E 197 -54.63 17.51 19.28
N LYS E 198 -54.38 18.62 18.60
CA LYS E 198 -55.11 19.85 18.89
C LYS E 198 -56.54 19.84 18.36
N LEU E 199 -56.93 18.84 17.57
CA LEU E 199 -58.31 18.70 17.12
C LEU E 199 -59.16 17.83 18.03
N ALA E 200 -58.58 17.28 19.10
CA ALA E 200 -59.33 16.42 19.99
C ALA E 200 -60.33 17.24 20.79
N CYS E 201 -61.33 16.53 21.34
CA CYS E 201 -62.40 17.15 22.10
C CYS E 201 -62.18 17.09 23.61
N ALA E 202 -61.01 16.66 24.07
CA ALA E 202 -60.72 16.49 25.48
C ALA E 202 -59.46 17.24 25.87
N ASP E 203 -59.12 17.17 27.16
CA ASP E 203 -57.89 17.77 27.64
C ASP E 203 -56.69 16.93 27.24
N ILE E 204 -55.60 17.61 26.87
CA ILE E 204 -54.42 16.94 26.34
C ILE E 204 -53.18 17.27 27.17
N LYS E 205 -53.38 17.42 28.48
CA LYS E 205 -52.26 17.74 29.38
C LYS E 205 -51.21 16.63 29.37
N VAL E 206 -51.65 15.37 29.36
CA VAL E 206 -50.72 14.25 29.40
C VAL E 206 -49.80 14.27 28.18
N ASN E 207 -50.38 14.52 27.00
CA ASN E 207 -49.59 14.61 25.78
C ASN E 207 -48.58 15.75 25.88
N ILE E 208 -49.04 16.92 26.33
CA ILE E 208 -48.15 18.06 26.55
C ILE E 208 -46.93 17.64 27.34
N ILE E 209 -47.16 17.12 28.55
CA ILE E 209 -46.07 16.88 29.48
C ILE E 209 -45.15 15.78 28.95
N TYR E 210 -45.73 14.68 28.47
CA TYR E 210 -44.89 13.56 28.02
C TYR E 210 -44.04 13.94 26.81
N GLY E 211 -44.64 14.61 25.82
CA GLY E 211 -43.87 15.01 24.66
C GLY E 211 -42.76 16.00 25.00
N LEU E 212 -43.07 16.97 25.86
CA LEU E 212 -42.05 17.94 26.25
C LEU E 212 -40.91 17.24 26.98
N PHE E 213 -41.24 16.30 27.86
CA PHE E 213 -40.22 15.55 28.59
C PHE E 213 -39.35 14.73 27.65
N VAL E 214 -39.96 14.05 26.68
CA VAL E 214 -39.19 13.21 25.75
C VAL E 214 -38.25 14.07 24.92
N ALA E 215 -38.76 15.17 24.36
CA ALA E 215 -37.92 16.03 23.54
C ALA E 215 -36.77 16.62 24.34
N LEU E 216 -37.03 17.07 25.57
CA LEU E 216 -35.97 17.61 26.40
C LEU E 216 -34.94 16.53 26.76
N LEU E 217 -35.40 15.31 27.03
CA LEU E 217 -34.49 14.25 27.43
C LEU E 217 -33.60 13.80 26.27
N ILE E 218 -34.10 13.88 25.04
CA ILE E 218 -33.29 13.44 23.91
C ILE E 218 -32.44 14.58 23.35
N VAL E 219 -33.09 15.61 22.83
CA VAL E 219 -32.41 16.56 21.96
C VAL E 219 -31.44 17.43 22.76
N GLY E 220 -31.88 17.95 23.90
CA GLY E 220 -31.02 18.80 24.70
C GLY E 220 -29.82 18.04 25.24
N LEU E 221 -30.05 16.82 25.70
CA LEU E 221 -28.95 16.00 26.22
C LEU E 221 -27.92 15.71 25.13
N ASP E 222 -28.39 15.49 23.89
CA ASP E 222 -27.43 15.27 22.81
C ASP E 222 -26.68 16.55 22.45
N VAL E 223 -27.38 17.68 22.40
CA VAL E 223 -26.78 18.94 21.99
C VAL E 223 -25.69 19.37 22.98
N ILE E 224 -25.95 19.21 24.28
CA ILE E 224 -24.97 19.60 25.29
C ILE E 224 -23.68 18.81 25.10
N LEU E 225 -23.80 17.50 24.93
CA LEU E 225 -22.61 16.65 24.78
C LEU E 225 -21.87 16.97 23.48
N ILE E 226 -22.59 17.23 22.40
CA ILE E 226 -21.93 17.59 21.14
C ILE E 226 -21.14 18.88 21.30
N ALA E 227 -21.74 19.89 21.93
CA ALA E 227 -21.04 21.14 22.14
C ALA E 227 -19.80 20.95 23.00
N LEU E 228 -19.92 20.15 24.06
CA LEU E 228 -18.77 19.89 24.92
C LEU E 228 -17.64 19.23 24.14
N SER E 229 -17.98 18.25 23.30
CA SER E 229 -16.94 17.56 22.52
C SER E 229 -16.26 18.51 21.55
N TYR E 230 -17.03 19.36 20.87
CA TYR E 230 -16.42 20.29 19.92
C TYR E 230 -15.52 21.29 20.64
N VAL E 231 -15.94 21.77 21.81
CA VAL E 231 -15.13 22.70 22.59
C VAL E 231 -13.83 22.03 23.01
N LEU E 232 -13.91 20.79 23.49
CA LEU E 232 -12.69 20.08 23.89
C LEU E 232 -11.75 19.85 22.72
N ILE E 233 -12.30 19.48 21.56
CA ILE E 233 -11.46 19.22 20.39
C ILE E 233 -10.75 20.49 19.94
N LEU E 234 -11.49 21.59 19.81
CA LEU E 234 -10.88 22.85 19.38
C LEU E 234 -9.90 23.38 20.42
N ARG E 235 -10.16 23.14 21.71
CA ARG E 235 -9.21 23.55 22.73
C ARG E 235 -7.91 22.76 22.64
N ALA E 236 -8.00 21.46 22.35
CA ALA E 236 -6.81 20.65 22.15
C ALA E 236 -6.05 21.00 20.89
N VAL E 237 -6.73 21.42 19.83
CA VAL E 237 -6.08 21.77 18.57
C VAL E 237 -5.25 23.03 18.75
N PHE E 238 -5.79 24.01 19.49
CA PHE E 238 -5.12 25.30 19.61
C PHE E 238 -3.90 25.25 20.52
N ARG E 239 -3.69 24.14 21.24
CA ARG E 239 -2.52 24.02 22.11
C ARG E 239 -1.29 23.51 21.38
N LEU E 240 -1.41 23.09 20.13
CA LEU E 240 -0.27 22.60 19.39
C LEU E 240 0.69 23.74 19.05
N PRO E 241 2.00 23.47 19.07
CA PRO E 241 2.96 24.51 18.67
C PRO E 241 2.78 24.99 17.24
N SER E 242 2.35 24.12 16.33
CA SER E 242 2.05 24.53 14.97
C SER E 242 0.79 25.39 14.94
N GLN E 243 0.72 26.27 13.95
CA GLN E 243 -0.40 27.20 13.83
C GLN E 243 -1.14 27.06 12.49
N ASP E 244 -0.83 26.05 11.70
CA ASP E 244 -1.56 25.81 10.46
C ASP E 244 -2.84 25.01 10.68
N ALA E 245 -3.03 24.44 11.87
CA ALA E 245 -4.27 23.77 12.23
C ALA E 245 -5.27 24.71 12.89
N ARG E 246 -4.87 25.94 13.18
CA ARG E 246 -5.78 26.87 13.85
C ARG E 246 -6.84 27.41 12.90
N LEU E 247 -6.58 27.38 11.60
CA LEU E 247 -7.54 27.92 10.63
C LEU E 247 -8.40 26.85 9.98
N LYS E 248 -7.82 25.70 9.62
CA LYS E 248 -8.60 24.63 9.00
C LYS E 248 -9.61 24.04 9.98
N ALA E 249 -9.23 23.90 11.25
CA ALA E 249 -10.17 23.40 12.24
C ALA E 249 -11.38 24.31 12.35
N LEU E 250 -11.15 25.62 12.37
CA LEU E 250 -12.27 26.56 12.39
C LEU E 250 -13.09 26.46 11.11
N SER E 251 -12.42 26.39 9.95
CA SER E 251 -13.12 26.38 8.67
C SER E 251 -14.00 25.14 8.51
N THR E 252 -13.65 24.02 9.13
CA THR E 252 -14.49 22.83 9.08
C THR E 252 -15.53 22.78 10.19
N CYS E 253 -15.16 23.14 11.42
CA CYS E 253 -16.10 23.10 12.53
C CYS E 253 -17.21 24.12 12.34
N GLY E 254 -16.92 25.24 11.67
CA GLY E 254 -17.97 26.22 11.40
C GLY E 254 -19.07 25.66 10.51
N SER E 255 -18.68 24.98 9.43
CA SER E 255 -19.66 24.35 8.55
C SER E 255 -20.43 23.25 9.27
N HIS E 256 -19.71 22.43 10.06
CA HIS E 256 -20.39 21.40 10.84
C HIS E 256 -21.43 22.00 11.77
N ILE E 257 -21.06 23.05 12.50
CA ILE E 257 -21.96 23.66 13.47
C ILE E 257 -23.13 24.34 12.75
N CYS E 258 -22.89 24.92 11.59
CA CYS E 258 -23.97 25.54 10.83
C CYS E 258 -25.01 24.50 10.42
N VAL E 259 -24.56 23.36 9.92
CA VAL E 259 -25.50 22.31 9.54
C VAL E 259 -26.23 21.77 10.77
N ILE E 260 -25.51 21.60 11.88
CA ILE E 260 -26.12 21.08 13.10
C ILE E 260 -27.22 22.01 13.60
N LEU E 261 -26.94 23.32 13.61
CA LEU E 261 -27.96 24.29 14.02
C LEU E 261 -29.14 24.30 13.06
N ALA E 262 -28.87 24.26 11.75
CA ALA E 262 -29.95 24.23 10.77
C ALA E 262 -30.84 23.01 10.95
N PHE E 263 -30.29 21.91 11.48
CA PHE E 263 -31.15 20.78 11.80
C PHE E 263 -31.89 20.97 13.11
N TYR E 264 -31.22 21.47 14.15
CA TYR E 264 -31.77 21.39 15.50
C TYR E 264 -32.76 22.50 15.80
N THR E 265 -32.49 23.73 15.37
CA THR E 265 -33.31 24.87 15.78
C THR E 265 -34.76 24.79 15.31
N PRO E 266 -35.07 24.54 14.04
CA PRO E 266 -36.49 24.48 13.63
C PRO E 266 -37.28 23.40 14.36
N ALA E 267 -36.63 22.32 14.79
CA ALA E 267 -37.34 21.28 15.54
C ALA E 267 -37.87 21.84 16.85
N PHE E 268 -37.02 22.52 17.63
CA PHE E 268 -37.49 23.19 18.84
C PHE E 268 -38.55 24.23 18.51
N PHE E 269 -38.36 24.98 17.42
CA PHE E 269 -39.33 26.00 17.06
C PHE E 269 -40.71 25.40 16.88
N SER E 270 -40.80 24.31 16.12
CA SER E 270 -42.10 23.67 15.89
C SER E 270 -42.66 23.07 17.17
N PHE E 271 -41.82 22.36 17.93
CA PHE E 271 -42.29 21.70 19.15
C PHE E 271 -42.78 22.68 20.19
N LEU E 272 -42.25 23.91 20.19
CA LEU E 272 -42.70 24.92 21.14
C LEU E 272 -43.84 25.78 20.60
N THR E 273 -43.90 26.00 19.29
CA THR E 273 -44.99 26.79 18.73
C THR E 273 -46.29 25.99 18.70
N HIS E 274 -46.20 24.66 18.62
CA HIS E 274 -47.43 23.87 18.58
C HIS E 274 -48.17 23.87 19.91
N ARG E 275 -47.55 24.33 20.99
CA ARG E 275 -48.21 24.30 22.30
C ARG E 275 -48.06 25.56 23.14
N PHE E 276 -47.23 26.53 22.73
CA PHE E 276 -47.08 27.75 23.51
C PHE E 276 -47.19 29.04 22.70
N GLY E 277 -47.13 28.99 21.38
CA GLY E 277 -47.24 30.18 20.58
C GLY E 277 -48.34 30.11 19.55
N HIS E 278 -49.35 30.95 19.69
CA HIS E 278 -50.46 31.02 18.74
C HIS E 278 -50.53 32.35 18.01
N HIS E 279 -49.84 33.38 18.49
CA HIS E 279 -49.81 34.69 17.84
C HIS E 279 -48.92 34.71 16.61
N ILE E 280 -48.02 33.75 16.45
CA ILE E 280 -47.15 33.69 15.28
C ILE E 280 -47.97 33.27 14.07
N PRO E 281 -47.83 33.94 12.92
CA PRO E 281 -48.61 33.54 11.75
C PRO E 281 -48.29 32.11 11.35
N PRO E 282 -49.26 31.41 10.78
CA PRO E 282 -49.10 29.95 10.60
C PRO E 282 -48.24 29.56 9.41
N TYR E 283 -48.24 30.36 8.35
CA TYR E 283 -47.53 29.97 7.13
C TYR E 283 -46.02 29.90 7.38
N ILE E 284 -45.46 30.85 8.12
CA ILE E 284 -44.04 30.78 8.45
C ILE E 284 -43.75 29.59 9.36
N HIS E 285 -44.67 29.27 10.27
CA HIS E 285 -44.49 28.09 11.12
C HIS E 285 -44.42 26.82 10.29
N ILE E 286 -45.31 26.69 9.29
CA ILE E 286 -45.31 25.51 8.44
C ILE E 286 -44.06 25.48 7.56
N LEU E 287 -43.62 26.64 7.07
CA LEU E 287 -42.42 26.69 6.24
C LEU E 287 -41.17 26.33 7.03
N LEU E 288 -41.07 26.79 8.27
CA LEU E 288 -39.91 26.45 9.10
C LEU E 288 -39.99 25.02 9.62
N ALA E 289 -41.18 24.45 9.73
CA ALA E 289 -41.31 23.06 10.14
C ALA E 289 -40.86 22.08 9.07
N ASN E 290 -40.73 22.54 7.82
CA ASN E 290 -40.33 21.70 6.71
C ASN E 290 -38.87 21.92 6.30
N LEU E 291 -38.11 22.72 7.04
CA LEU E 291 -36.73 22.99 6.69
C LEU E 291 -35.77 22.00 7.33
N TYR E 292 -35.95 21.70 8.61
CA TYR E 292 -35.07 20.74 9.27
C TYR E 292 -35.27 19.33 8.76
N LEU E 293 -36.34 19.09 8.00
CA LEU E 293 -36.62 17.79 7.41
C LEU E 293 -36.11 17.65 5.99
N LEU E 294 -35.56 18.72 5.42
CA LEU E 294 -35.14 18.69 4.02
C LEU E 294 -33.70 19.15 3.80
N VAL E 295 -33.25 20.15 4.55
CA VAL E 295 -31.98 20.80 4.25
C VAL E 295 -30.79 19.93 4.67
N PRO E 296 -30.72 19.41 5.89
CA PRO E 296 -29.57 18.57 6.27
C PRO E 296 -29.43 17.34 5.39
N PRO E 297 -30.52 16.66 4.98
CA PRO E 297 -30.34 15.55 4.03
C PRO E 297 -29.64 15.95 2.74
N MET E 298 -29.76 17.20 2.30
CA MET E 298 -29.09 17.63 1.08
C MET E 298 -27.68 18.17 1.35
N LEU E 299 -27.46 18.80 2.50
CA LEU E 299 -26.17 19.42 2.77
C LEU E 299 -25.20 18.52 3.52
N ASN E 300 -25.63 17.34 4.00
CA ASN E 300 -24.72 16.51 4.76
C ASN E 300 -23.63 15.88 3.90
N PRO E 301 -23.93 15.19 2.80
CA PRO E 301 -22.84 14.56 2.03
C PRO E 301 -21.85 15.55 1.46
N ILE E 302 -22.28 16.77 1.14
CA ILE E 302 -21.36 17.74 0.55
C ILE E 302 -20.28 18.13 1.55
N ILE E 303 -20.66 18.35 2.82
CA ILE E 303 -19.67 18.76 3.80
C ILE E 303 -18.95 17.55 4.39
N TYR E 304 -19.54 16.36 4.33
CA TYR E 304 -18.91 15.19 4.93
C TYR E 304 -18.24 14.30 3.91
N GLY E 305 -18.82 14.14 2.72
CA GLY E 305 -18.25 13.25 1.73
C GLY E 305 -17.39 13.92 0.68
N VAL E 306 -17.90 14.97 0.04
CA VAL E 306 -17.15 15.63 -1.02
C VAL E 306 -15.97 16.39 -0.45
N LYS E 307 -16.18 17.11 0.65
CA LYS E 307 -15.10 17.92 1.24
C LYS E 307 -13.99 17.07 1.84
N THR E 308 -14.28 15.84 2.24
CA THR E 308 -13.26 15.01 2.86
C THR E 308 -12.25 14.53 1.81
N LYS E 309 -11.05 14.20 2.28
CA LYS E 309 -9.93 13.94 1.36
C LYS E 309 -10.08 12.59 0.65
N GLN E 310 -10.49 11.56 1.38
CA GLN E 310 -10.38 10.19 0.89
C GLN E 310 -11.64 9.68 0.20
N ILE E 311 -12.68 10.51 0.05
CA ILE E 311 -13.90 10.12 -0.65
C ILE E 311 -14.04 10.84 -1.97
N ARG E 312 -13.68 12.13 -2.04
CA ARG E 312 -13.74 12.85 -3.30
C ARG E 312 -12.83 12.21 -4.35
N GLU E 313 -11.57 11.96 -3.99
CA GLU E 313 -10.60 11.40 -4.93
C GLU E 313 -10.92 9.96 -5.31
N ARG E 314 -11.67 9.24 -4.48
CA ARG E 314 -12.12 7.90 -4.82
C ARG E 314 -13.41 7.89 -5.63
N VAL E 315 -14.22 8.95 -5.53
CA VAL E 315 -15.35 9.11 -6.42
C VAL E 315 -14.88 9.48 -7.82
N LEU E 316 -13.97 10.46 -7.93
CA LEU E 316 -13.46 10.82 -9.24
C LEU E 316 -12.61 9.71 -9.86
N LYS E 317 -12.14 8.75 -9.06
CA LYS E 317 -11.38 7.63 -9.59
C LYS E 317 -12.25 6.61 -10.29
N ILE E 318 -13.52 6.49 -9.90
CA ILE E 318 -14.41 5.49 -10.49
C ILE E 318 -14.96 5.98 -11.83
N PHE E 319 -15.43 7.23 -11.90
CA PHE E 319 -16.06 7.73 -13.11
C PHE E 319 -15.06 8.11 -14.18
N PHE E 320 -13.77 8.23 -13.86
CA PHE E 320 -12.74 8.52 -14.84
C PHE E 320 -11.68 7.43 -14.87
#